data_9KME
#
_entry.id   9KME
#
_cell.length_a   95.035
_cell.length_b   96.092
_cell.length_c   109.930
_cell.angle_alpha   90.00
_cell.angle_beta   90.00
_cell.angle_gamma   90.00
#
_symmetry.space_group_name_H-M   'P 21 21 21'
#
loop_
_entity.id
_entity.type
_entity.pdbx_description
1 polymer 'soluble bacteriorhodopsin'
2 non-polymer RETINAL
3 non-polymer 'SULFATE ION'
4 water water
#
_entity_poly.entity_id   1
_entity_poly.type   'polypeptide(L)'
_entity_poly.pdbx_seq_one_letter_code
;MSMRPESKYYEKATEEMEKAYEEFKKKGEGVEDEEAKKFYDLLTEVPRIAYEQYKKILDGEGIEKVEVDGKEIEVPVARY
EDWEKTTPLLLEVLANLVDASEELKEKLISKAKEMITLGKKGALETDPEKRFEYWKKSTEKMNEIIDLLENGFKENLSSL
KPERKKTYEEARKLTIELWSKYPEIWKKGPLGEGKVPLEETVKQFTELDVSAKVGFGELVLSSEAIYSGSGHHHHHH
;
_entity_poly.pdbx_strand_id   A,B,C,D
#
# COMPACT_ATOMS: atom_id res chain seq x y z
N MET A 3 -30.62 -23.65 36.79
CA MET A 3 -29.79 -23.92 35.58
C MET A 3 -29.24 -22.60 35.05
N ARG A 4 -27.96 -22.60 34.67
CA ARG A 4 -27.32 -21.44 34.07
C ARG A 4 -27.88 -21.24 32.65
N PRO A 5 -27.93 -19.99 32.16
CA PRO A 5 -28.59 -19.70 30.88
C PRO A 5 -28.13 -20.57 29.71
N GLU A 6 -26.89 -21.08 29.78
CA GLU A 6 -26.27 -21.72 28.63
C GLU A 6 -26.36 -23.25 28.77
N SER A 7 -26.84 -23.72 29.92
CA SER A 7 -26.89 -25.14 30.20
C SER A 7 -27.76 -25.87 29.17
N LYS A 8 -28.79 -25.18 28.67
CA LYS A 8 -29.75 -25.83 27.80
C LYS A 8 -29.09 -26.08 26.45
N TYR A 9 -28.15 -25.22 26.03
CA TYR A 9 -27.51 -25.42 24.75
C TYR A 9 -26.45 -26.51 24.87
N TYR A 10 -25.85 -26.66 26.06
CA TYR A 10 -24.92 -27.76 26.27
C TYR A 10 -25.71 -29.07 26.26
N GLU A 11 -26.91 -29.04 26.83
CA GLU A 11 -27.80 -30.20 26.84
C GLU A 11 -28.19 -30.55 25.40
N LYS A 12 -28.57 -29.53 24.62
CA LYS A 12 -29.02 -29.73 23.25
C LYS A 12 -27.90 -30.39 22.43
N ALA A 13 -26.67 -29.88 22.58
CA ALA A 13 -25.54 -30.37 21.82
C ALA A 13 -25.27 -31.84 22.16
N THR A 14 -25.32 -32.15 23.46
CA THR A 14 -25.06 -33.51 23.92
C THR A 14 -26.03 -34.47 23.25
N GLU A 15 -27.32 -34.13 23.32
CA GLU A 15 -28.37 -34.96 22.74
C GLU A 15 -28.17 -35.11 21.23
N GLU A 16 -27.98 -33.97 20.55
CA GLU A 16 -27.88 -33.94 19.10
C GLU A 16 -26.70 -34.79 18.62
N MET A 17 -25.56 -34.70 19.33
CA MET A 17 -24.38 -35.44 18.92
C MET A 17 -24.59 -36.93 19.17
N GLU A 18 -25.24 -37.26 20.30
CA GLU A 18 -25.48 -38.64 20.65
C GLU A 18 -26.33 -39.31 19.58
N LYS A 19 -27.41 -38.64 19.14
CA LYS A 19 -28.29 -39.17 18.12
C LYS A 19 -27.51 -39.42 16.83
N ALA A 20 -26.63 -38.48 16.48
CA ALA A 20 -25.85 -38.57 15.24
C ALA A 20 -24.91 -39.76 15.29
N TYR A 21 -24.18 -39.88 16.41
CA TYR A 21 -23.26 -40.98 16.63
C TYR A 21 -23.99 -42.31 16.45
N GLU A 22 -25.12 -42.46 17.15
CA GLU A 22 -25.88 -43.70 17.13
C GLU A 22 -26.40 -43.98 15.72
N GLU A 23 -26.89 -42.93 15.06
CA GLU A 23 -27.45 -43.04 13.71
C GLU A 23 -26.40 -43.55 12.74
N PHE A 24 -25.25 -42.87 12.70
CA PHE A 24 -24.17 -43.21 11.78
C PHE A 24 -23.69 -44.63 12.08
N LYS A 25 -23.55 -44.96 13.37
CA LYS A 25 -23.04 -46.26 13.77
C LYS A 25 -23.98 -47.36 13.27
N LYS A 26 -25.30 -47.09 13.36
CA LYS A 26 -26.31 -48.06 12.97
C LYS A 26 -26.25 -48.32 11.46
N LYS A 27 -26.15 -47.24 10.68
CA LYS A 27 -26.12 -47.33 9.23
C LYS A 27 -24.86 -48.05 8.78
N GLY A 28 -23.74 -47.76 9.47
CA GLY A 28 -22.45 -48.29 9.09
C GLY A 28 -22.35 -49.79 9.34
N GLU A 29 -23.19 -50.31 10.25
CA GLU A 29 -23.06 -51.69 10.69
C GLU A 29 -23.37 -52.65 9.53
N GLY A 30 -24.13 -52.17 8.55
CA GLY A 30 -24.48 -52.99 7.40
C GLY A 30 -23.64 -52.67 6.16
N VAL A 31 -22.61 -51.83 6.33
CA VAL A 31 -21.77 -51.43 5.21
C VAL A 31 -20.51 -52.27 5.24
N GLU A 32 -20.28 -53.07 4.16
CA GLU A 32 -19.20 -54.03 4.14
C GLU A 32 -18.11 -53.60 3.16
N ASP A 33 -18.35 -52.52 2.43
CA ASP A 33 -17.35 -51.99 1.50
C ASP A 33 -16.14 -51.48 2.28
N GLU A 34 -14.93 -51.79 1.78
CA GLU A 34 -13.71 -51.50 2.48
C GLU A 34 -13.50 -49.99 2.58
N GLU A 35 -13.71 -49.29 1.47
CA GLU A 35 -13.46 -47.84 1.44
C GLU A 35 -14.54 -47.12 2.25
N ALA A 36 -15.81 -47.51 2.07
CA ALA A 36 -16.92 -46.80 2.68
C ALA A 36 -16.87 -46.97 4.20
N LYS A 37 -16.37 -48.12 4.67
CA LYS A 37 -16.30 -48.39 6.10
C LYS A 37 -15.36 -47.38 6.77
N LYS A 38 -14.31 -46.97 6.07
CA LYS A 38 -13.38 -45.99 6.59
C LYS A 38 -14.09 -44.66 6.83
N PHE A 39 -14.92 -44.25 5.88
CA PHE A 39 -15.63 -42.99 5.99
C PHE A 39 -16.62 -43.07 7.15
N TYR A 40 -17.29 -44.23 7.29
CA TYR A 40 -18.22 -44.42 8.39
C TYR A 40 -17.47 -44.34 9.71
N ASP A 41 -16.26 -44.91 9.75
CA ASP A 41 -15.47 -44.96 10.96
C ASP A 41 -15.14 -43.54 11.43
N LEU A 42 -14.60 -42.71 10.52
CA LEU A 42 -14.18 -41.36 10.87
C LEU A 42 -15.39 -40.51 11.26
N LEU A 43 -16.47 -40.61 10.49
CA LEU A 43 -17.61 -39.73 10.65
C LEU A 43 -18.56 -40.22 11.74
N THR A 44 -18.33 -41.44 12.25
CA THR A 44 -19.01 -41.90 13.45
C THR A 44 -18.22 -41.43 14.67
N GLU A 45 -16.88 -41.51 14.57
CA GLU A 45 -16.00 -41.15 15.68
C GLU A 45 -16.14 -39.68 16.04
N VAL A 46 -16.36 -38.84 15.03
CA VAL A 46 -16.36 -37.40 15.23
C VAL A 46 -17.49 -37.00 16.18
N PRO A 47 -18.76 -37.41 15.93
CA PRO A 47 -19.84 -37.04 16.84
C PRO A 47 -19.76 -37.76 18.19
N ARG A 48 -19.12 -38.92 18.22
CA ARG A 48 -18.93 -39.65 19.47
C ARG A 48 -18.07 -38.82 20.40
N ILE A 49 -16.97 -38.26 19.87
CA ILE A 49 -16.09 -37.43 20.66
C ILE A 49 -16.85 -36.18 21.13
N ALA A 50 -17.59 -35.56 20.21
CA ALA A 50 -18.35 -34.37 20.57
C ALA A 50 -19.33 -34.70 21.69
N TYR A 51 -20.04 -35.81 21.54
CA TYR A 51 -20.99 -36.25 22.56
C TYR A 51 -20.29 -36.35 23.91
N GLU A 52 -19.17 -37.08 23.94
CA GLU A 52 -18.48 -37.33 25.20
C GLU A 52 -18.05 -36.02 25.85
N GLN A 53 -17.59 -35.06 25.04
CA GLN A 53 -17.00 -33.84 25.57
C GLN A 53 -18.10 -32.88 26.05
N TYR A 54 -19.19 -32.77 25.27
CA TYR A 54 -20.32 -31.97 25.71
C TYR A 54 -20.94 -32.60 26.96
N LYS A 55 -20.94 -33.94 27.04
CA LYS A 55 -21.47 -34.61 28.22
C LYS A 55 -20.66 -34.22 29.46
N LYS A 56 -19.33 -34.15 29.32
CA LYS A 56 -18.49 -33.74 30.44
C LYS A 56 -18.91 -32.36 30.93
N ILE A 57 -19.16 -31.44 29.99
CA ILE A 57 -19.60 -30.11 30.36
C ILE A 57 -20.91 -30.22 31.12
N LEU A 58 -21.83 -31.01 30.58
CA LEU A 58 -23.16 -31.16 31.16
C LEU A 58 -23.04 -31.72 32.58
N ASP A 59 -21.97 -32.50 32.79
CA ASP A 59 -21.78 -33.23 34.04
C ASP A 59 -20.92 -32.44 35.02
N GLY A 60 -20.66 -31.17 34.70
CA GLY A 60 -19.99 -30.28 35.63
C GLY A 60 -18.47 -30.43 35.59
N GLU A 61 -17.96 -31.09 34.55
CA GLU A 61 -16.53 -31.07 34.29
C GLU A 61 -16.31 -30.25 33.02
N GLY A 62 -15.04 -30.05 32.65
CA GLY A 62 -14.71 -29.44 31.37
C GLY A 62 -15.06 -27.96 31.27
N ILE A 63 -15.10 -27.26 32.42
CA ILE A 63 -15.21 -25.81 32.43
C ILE A 63 -14.12 -25.21 33.31
N GLU A 64 -13.51 -24.12 32.83
CA GLU A 64 -12.60 -23.31 33.63
C GLU A 64 -13.10 -21.87 33.65
N LYS A 65 -12.96 -21.22 34.82
CA LYS A 65 -13.30 -19.82 34.97
C LYS A 65 -12.11 -18.95 34.58
N VAL A 66 -12.35 -17.91 33.76
CA VAL A 66 -11.32 -16.97 33.39
CA VAL A 66 -11.32 -16.97 33.37
C VAL A 66 -11.83 -15.55 33.66
N GLU A 67 -10.99 -14.76 34.32
CA GLU A 67 -11.34 -13.39 34.69
C GLU A 67 -11.24 -12.48 33.46
N VAL A 68 -12.37 -11.87 33.09
CA VAL A 68 -12.42 -10.98 31.94
C VAL A 68 -13.19 -9.72 32.32
N ASP A 69 -12.49 -8.58 32.29
CA ASP A 69 -13.12 -7.30 32.50
C ASP A 69 -13.86 -7.30 33.83
N GLY A 70 -13.28 -7.97 34.82
CA GLY A 70 -13.78 -7.93 36.20
C GLY A 70 -14.77 -9.05 36.50
N LYS A 71 -15.12 -9.85 35.49
CA LYS A 71 -16.13 -10.88 35.62
C LYS A 71 -15.53 -12.25 35.29
N GLU A 72 -16.04 -13.29 35.94
CA GLU A 72 -15.55 -14.64 35.70
C GLU A 72 -16.37 -15.26 34.57
N ILE A 73 -15.67 -15.74 33.53
CA ILE A 73 -16.31 -16.38 32.40
C ILE A 73 -16.08 -17.89 32.50
N GLU A 74 -17.16 -18.66 32.36
CA GLU A 74 -17.06 -20.11 32.36
C GLU A 74 -16.69 -20.57 30.95
N VAL A 75 -15.41 -20.90 30.77
CA VAL A 75 -14.88 -21.31 29.48
C VAL A 75 -14.96 -22.83 29.38
N PRO A 76 -15.61 -23.38 28.33
CA PRO A 76 -15.70 -24.82 28.16
C PRO A 76 -14.45 -25.42 27.50
N VAL A 77 -13.45 -25.69 28.34
CA VAL A 77 -12.19 -26.24 27.88
C VAL A 77 -12.40 -27.63 27.28
N ALA A 78 -13.45 -28.34 27.73
CA ALA A 78 -13.72 -29.67 27.20
C ALA A 78 -14.10 -29.57 25.72
N ARG A 79 -14.74 -28.46 25.33
CA ARG A 79 -15.15 -28.25 23.95
C ARG A 79 -13.91 -27.98 23.08
N TYR A 80 -12.91 -27.30 23.63
CA TYR A 80 -11.68 -27.07 22.89
C TYR A 80 -10.96 -28.41 22.69
N GLU A 81 -11.10 -29.33 23.65
CA GLU A 81 -10.44 -30.62 23.56
C GLU A 81 -11.14 -31.46 22.49
N ASP A 82 -12.46 -31.29 22.39
CA ASP A 82 -13.25 -31.87 21.32
C ASP A 82 -12.70 -31.41 19.96
N TRP A 83 -12.70 -30.08 19.77
CA TRP A 83 -12.29 -29.49 18.52
C TRP A 83 -10.88 -29.95 18.13
N GLU A 84 -9.99 -30.01 19.13
CA GLU A 84 -8.60 -30.38 18.93
C GLU A 84 -8.52 -31.78 18.32
N LYS A 85 -9.52 -32.61 18.63
CA LYS A 85 -9.55 -33.99 18.17
C LYS A 85 -10.34 -34.12 16.88
N THR A 86 -11.43 -33.35 16.71
CA THR A 86 -12.35 -33.61 15.60
C THR A 86 -11.99 -32.80 14.35
N THR A 87 -11.39 -31.61 14.51
CA THR A 87 -11.08 -30.80 13.33
C THR A 87 -10.09 -31.56 12.44
N PRO A 88 -9.05 -32.23 12.98
CA PRO A 88 -8.17 -33.02 12.14
C PRO A 88 -8.87 -34.19 11.46
N LEU A 89 -9.82 -34.82 12.16
CA LEU A 89 -10.52 -35.96 11.61
C LEU A 89 -11.39 -35.51 10.42
N LEU A 90 -12.02 -34.34 10.55
CA LEU A 90 -12.87 -33.81 9.50
C LEU A 90 -12.04 -33.43 8.27
N LEU A 91 -10.81 -32.96 8.49
CA LEU A 91 -9.96 -32.62 7.37
C LEU A 91 -9.44 -33.90 6.73
N GLU A 92 -9.27 -34.95 7.54
CA GLU A 92 -8.83 -36.24 7.02
C GLU A 92 -9.89 -36.80 6.06
N VAL A 93 -11.17 -36.51 6.34
CA VAL A 93 -12.24 -36.95 5.48
C VAL A 93 -12.13 -36.23 4.13
N LEU A 94 -11.90 -34.92 4.16
CA LEU A 94 -11.78 -34.16 2.92
C LEU A 94 -10.57 -34.68 2.14
N ALA A 95 -9.47 -34.92 2.85
CA ALA A 95 -8.24 -35.39 2.23
C ALA A 95 -8.47 -36.72 1.52
N ASN A 96 -9.24 -37.60 2.18
CA ASN A 96 -9.50 -38.93 1.63
C ASN A 96 -10.42 -38.83 0.42
N LEU A 97 -11.37 -37.89 0.44
CA LEU A 97 -12.28 -37.69 -0.68
C LEU A 97 -11.50 -37.34 -1.94
N VAL A 98 -10.43 -36.54 -1.82
CA VAL A 98 -9.71 -36.08 -3.00
C VAL A 98 -8.39 -36.84 -3.16
N ASP A 99 -8.19 -37.88 -2.35
CA ASP A 99 -6.98 -38.68 -2.42
CA ASP A 99 -6.98 -38.69 -2.38
C ASP A 99 -5.75 -37.79 -2.34
N ALA A 100 -5.74 -36.86 -1.38
CA ALA A 100 -4.61 -35.96 -1.19
C ALA A 100 -3.36 -36.76 -0.84
N SER A 101 -2.19 -36.16 -1.08
CA SER A 101 -0.92 -36.76 -0.69
C SER A 101 -0.83 -36.85 0.84
N GLU A 102 0.11 -37.68 1.31
CA GLU A 102 0.41 -37.75 2.73
C GLU A 102 0.89 -36.40 3.24
N GLU A 103 1.73 -35.73 2.45
CA GLU A 103 2.30 -34.44 2.82
CA GLU A 103 2.31 -34.45 2.84
C GLU A 103 1.18 -33.45 3.11
N LEU A 104 0.25 -33.34 2.15
CA LEU A 104 -0.85 -32.40 2.26
C LEU A 104 -1.76 -32.77 3.44
N LYS A 105 -2.04 -34.07 3.59
CA LYS A 105 -2.95 -34.52 4.63
C LYS A 105 -2.37 -34.18 6.00
N GLU A 106 -1.06 -34.43 6.16
CA GLU A 106 -0.40 -34.23 7.45
C GLU A 106 -0.32 -32.74 7.77
N LYS A 107 -0.18 -31.91 6.72
CA LYS A 107 -0.08 -30.48 6.89
C LYS A 107 -1.42 -29.93 7.38
N LEU A 108 -2.51 -30.38 6.75
CA LEU A 108 -3.85 -29.98 7.13
C LEU A 108 -4.10 -30.33 8.59
N ILE A 109 -3.80 -31.58 8.95
CA ILE A 109 -4.03 -32.11 10.28
C ILE A 109 -3.24 -31.29 11.31
N SER A 110 -1.98 -31.02 10.98
CA SER A 110 -1.11 -30.24 11.84
C SER A 110 -1.70 -28.85 12.09
N LYS A 111 -2.15 -28.19 11.03
CA LYS A 111 -2.62 -26.82 11.11
C LYS A 111 -3.92 -26.76 11.93
N ALA A 112 -4.76 -27.78 11.79
CA ALA A 112 -6.01 -27.82 12.54
C ALA A 112 -5.74 -27.92 14.03
N LYS A 113 -4.80 -28.80 14.41
CA LYS A 113 -4.45 -28.98 15.81
C LYS A 113 -3.90 -27.67 16.38
N GLU A 114 -3.05 -26.99 15.61
CA GLU A 114 -2.43 -25.73 16.03
CA GLU A 114 -2.44 -25.74 16.06
C GLU A 114 -3.51 -24.66 16.17
N MET A 115 -4.44 -24.63 15.22
CA MET A 115 -5.52 -23.66 15.22
C MET A 115 -6.29 -23.71 16.55
N ILE A 116 -6.62 -24.92 17.00
CA ILE A 116 -7.41 -25.08 18.22
C ILE A 116 -6.56 -24.83 19.47
N THR A 117 -5.28 -25.23 19.44
CA THR A 117 -4.39 -25.02 20.58
C THR A 117 -4.25 -23.52 20.87
N LEU A 118 -4.10 -22.73 19.80
CA LEU A 118 -3.93 -21.30 19.92
C LEU A 118 -5.20 -20.66 20.48
N GLY A 119 -6.35 -21.09 19.93
CA GLY A 119 -7.63 -20.58 20.35
C GLY A 119 -7.90 -20.84 21.82
N LYS A 120 -7.50 -22.03 22.27
CA LYS A 120 -7.70 -22.42 23.66
C LYS A 120 -6.80 -21.58 24.56
N LYS A 121 -5.59 -21.28 24.07
CA LYS A 121 -4.68 -20.42 24.80
C LYS A 121 -5.27 -19.02 24.92
N GLY A 122 -5.85 -18.54 23.81
CA GLY A 122 -6.56 -17.26 23.81
C GLY A 122 -7.68 -17.25 24.85
N ALA A 123 -8.47 -18.32 24.89
CA ALA A 123 -9.65 -18.38 25.72
C ALA A 123 -9.28 -18.30 27.21
N LEU A 124 -8.06 -18.74 27.55
CA LEU A 124 -7.65 -18.84 28.94
C LEU A 124 -6.79 -17.65 29.35
N GLU A 125 -6.61 -16.68 28.44
CA GLU A 125 -5.76 -15.53 28.69
CA GLU A 125 -5.76 -15.51 28.68
C GLU A 125 -6.58 -14.40 29.35
N THR A 126 -6.08 -13.88 30.48
CA THR A 126 -6.74 -12.79 31.16
C THR A 126 -6.28 -11.46 30.57
N ASP A 127 -5.06 -11.43 30.02
CA ASP A 127 -4.54 -10.24 29.38
C ASP A 127 -5.23 -10.03 28.04
N PRO A 128 -5.99 -8.92 27.87
CA PRO A 128 -6.76 -8.73 26.65
C PRO A 128 -5.93 -8.69 25.36
N GLU A 129 -4.72 -8.14 25.46
CA GLU A 129 -3.85 -8.01 24.30
C GLU A 129 -3.36 -9.38 23.86
N LYS A 130 -3.11 -10.27 24.83
CA LYS A 130 -2.61 -11.60 24.53
C LYS A 130 -3.77 -12.45 24.00
N ARG A 131 -4.97 -12.16 24.51
CA ARG A 131 -6.17 -12.84 24.07
C ARG A 131 -6.40 -12.56 22.58
N PHE A 132 -6.26 -11.29 22.19
CA PHE A 132 -6.43 -10.92 20.79
C PHE A 132 -5.35 -11.59 19.94
N GLU A 133 -4.10 -11.54 20.40
CA GLU A 133 -2.98 -12.07 19.64
C GLU A 133 -3.20 -13.55 19.33
N TYR A 134 -3.68 -14.32 20.31
CA TYR A 134 -3.89 -15.75 20.16
CA TYR A 134 -3.84 -15.75 20.10
C TYR A 134 -5.02 -16.01 19.17
N TRP A 135 -6.08 -15.19 19.25
CA TRP A 135 -7.15 -15.27 18.28
C TRP A 135 -6.62 -15.02 16.87
N LYS A 136 -5.75 -14.02 16.73
CA LYS A 136 -5.22 -13.66 15.43
C LYS A 136 -4.38 -14.80 14.87
N LYS A 137 -3.49 -15.36 15.71
CA LYS A 137 -2.62 -16.43 15.27
C LYS A 137 -3.46 -17.64 14.86
N SER A 138 -4.52 -17.92 15.62
CA SER A 138 -5.42 -19.03 15.31
C SER A 138 -6.10 -18.80 13.96
N THR A 139 -6.55 -17.57 13.69
CA THR A 139 -7.26 -17.27 12.45
CA THR A 139 -7.26 -17.27 12.45
C THR A 139 -6.31 -17.47 11.27
N GLU A 140 -5.01 -17.20 11.50
CA GLU A 140 -4.00 -17.36 10.48
C GLU A 140 -3.85 -18.84 10.10
N LYS A 141 -3.90 -19.73 11.09
CA LYS A 141 -3.90 -21.16 10.81
C LYS A 141 -5.14 -21.54 10.02
N MET A 142 -6.29 -20.98 10.39
CA MET A 142 -7.54 -21.28 9.71
C MET A 142 -7.45 -20.81 8.26
N ASN A 143 -6.90 -19.61 8.04
CA ASN A 143 -6.81 -19.06 6.70
C ASN A 143 -5.89 -19.94 5.85
N GLU A 144 -4.81 -20.45 6.44
CA GLU A 144 -3.88 -21.32 5.73
C GLU A 144 -4.58 -22.60 5.29
N ILE A 145 -5.42 -23.18 6.18
CA ILE A 145 -6.16 -24.38 5.87
C ILE A 145 -7.07 -24.12 4.67
N ILE A 146 -7.82 -23.01 4.74
CA ILE A 146 -8.79 -22.68 3.71
C ILE A 146 -8.07 -22.43 2.38
N ASP A 147 -6.89 -21.82 2.46
CA ASP A 147 -6.10 -21.54 1.27
C ASP A 147 -5.74 -22.85 0.58
N LEU A 148 -5.34 -23.84 1.38
CA LEU A 148 -4.92 -25.13 0.86
C LEU A 148 -6.12 -25.83 0.23
N LEU A 149 -7.27 -25.74 0.88
CA LEU A 149 -8.47 -26.42 0.40
C LEU A 149 -8.91 -25.81 -0.92
N GLU A 150 -8.72 -24.50 -1.09
CA GLU A 150 -9.29 -23.77 -2.22
C GLU A 150 -8.41 -23.89 -3.46
N ASN A 151 -7.14 -24.22 -3.26
CA ASN A 151 -6.15 -24.14 -4.33
C ASN A 151 -6.31 -25.36 -5.23
N GLY A 152 -6.76 -25.12 -6.48
CA GLY A 152 -7.13 -26.19 -7.39
C GLY A 152 -5.93 -26.94 -7.96
N PHE A 153 -4.76 -26.29 -7.91
CA PHE A 153 -3.52 -26.92 -8.35
C PHE A 153 -3.08 -27.95 -7.31
N LYS A 154 -3.40 -27.69 -6.03
CA LYS A 154 -2.95 -28.53 -4.93
C LYS A 154 -3.98 -29.63 -4.67
N GLU A 155 -5.24 -29.36 -5.02
CA GLU A 155 -6.30 -30.34 -4.86
C GLU A 155 -6.69 -30.87 -6.25
N ASN A 156 -5.90 -31.84 -6.74
CA ASN A 156 -6.08 -32.36 -8.08
C ASN A 156 -7.38 -33.14 -8.16
N LEU A 157 -8.33 -32.63 -8.95
CA LEU A 157 -9.67 -33.19 -9.03
C LEU A 157 -9.89 -33.92 -10.35
N SER A 158 -9.10 -33.57 -11.37
CA SER A 158 -9.26 -34.10 -12.71
C SER A 158 -9.32 -35.63 -12.67
N SER A 159 -8.75 -36.22 -11.62
CA SER A 159 -8.58 -37.66 -11.54
C SER A 159 -9.83 -38.36 -10.97
N LEU A 160 -10.79 -37.56 -10.48
CA LEU A 160 -11.91 -38.11 -9.73
C LEU A 160 -13.08 -38.42 -10.67
N LYS A 161 -13.87 -39.42 -10.30
CA LYS A 161 -15.14 -39.67 -10.97
C LYS A 161 -16.09 -38.51 -10.66
N PRO A 162 -17.03 -38.19 -11.56
CA PRO A 162 -17.92 -37.04 -11.38
C PRO A 162 -18.58 -36.98 -10.01
N GLU A 163 -19.21 -38.09 -9.62
CA GLU A 163 -19.94 -38.18 -8.36
C GLU A 163 -19.02 -37.80 -7.20
N ARG A 164 -17.79 -38.35 -7.22
CA ARG A 164 -16.82 -38.14 -6.16
C ARG A 164 -16.41 -36.66 -6.10
N LYS A 165 -16.15 -36.08 -7.28
CA LYS A 165 -15.77 -34.68 -7.38
C LYS A 165 -16.87 -33.80 -6.79
N LYS A 166 -18.12 -34.14 -7.10
CA LYS A 166 -19.26 -33.35 -6.65
C LYS A 166 -19.37 -33.40 -5.12
N THR A 167 -19.27 -34.60 -4.55
CA THR A 167 -19.33 -34.74 -3.09
C THR A 167 -18.21 -33.92 -2.46
N TYR A 168 -17.00 -34.01 -3.03
CA TYR A 168 -15.87 -33.28 -2.49
C TYR A 168 -16.20 -31.78 -2.48
N GLU A 169 -16.73 -31.30 -3.61
CA GLU A 169 -16.96 -29.88 -3.77
C GLU A 169 -17.97 -29.39 -2.73
N GLU A 170 -19.03 -30.18 -2.53
CA GLU A 170 -20.07 -29.88 -1.58
C GLU A 170 -19.49 -29.87 -0.16
N ALA A 171 -18.72 -30.91 0.16
CA ALA A 171 -18.15 -31.08 1.49
C ALA A 171 -17.16 -29.95 1.81
N ARG A 172 -16.34 -29.58 0.82
CA ARG A 172 -15.35 -28.52 1.01
C ARG A 172 -16.04 -27.18 1.23
N LYS A 173 -17.10 -26.92 0.45
CA LYS A 173 -17.84 -25.68 0.52
C LYS A 173 -18.49 -25.53 1.90
N LEU A 174 -19.07 -26.63 2.41
CA LEU A 174 -19.70 -26.61 3.71
C LEU A 174 -18.64 -26.32 4.78
N THR A 175 -17.49 -26.98 4.66
CA THR A 175 -16.42 -26.83 5.65
C THR A 175 -16.00 -25.36 5.71
N ILE A 176 -15.76 -24.75 4.55
CA ILE A 176 -15.27 -23.38 4.51
C ILE A 176 -16.35 -22.44 5.06
N GLU A 177 -17.61 -22.62 4.62
CA GLU A 177 -18.71 -21.80 5.10
C GLU A 177 -18.76 -21.82 6.63
N LEU A 178 -18.75 -23.02 7.21
CA LEU A 178 -18.95 -23.18 8.64
C LEU A 178 -17.72 -22.69 9.41
N TRP A 179 -16.56 -23.25 9.08
CA TRP A 179 -15.38 -23.01 9.88
C TRP A 179 -15.08 -21.51 9.93
N SER A 180 -15.38 -20.79 8.85
CA SER A 180 -15.06 -19.38 8.78
CA SER A 180 -15.08 -19.37 8.76
C SER A 180 -15.88 -18.58 9.79
N LYS A 181 -16.94 -19.18 10.34
CA LYS A 181 -17.85 -18.48 11.22
C LYS A 181 -17.38 -18.53 12.67
N TYR A 182 -16.54 -19.52 13.00
CA TYR A 182 -16.09 -19.72 14.37
C TYR A 182 -15.36 -18.50 14.90
N PRO A 183 -14.39 -17.90 14.15
CA PRO A 183 -13.66 -16.76 14.69
C PRO A 183 -14.55 -15.54 14.94
N GLU A 184 -15.62 -15.41 14.16
CA GLU A 184 -16.52 -14.27 14.25
CA GLU A 184 -16.52 -14.26 14.25
C GLU A 184 -17.38 -14.38 15.51
N ILE A 185 -17.83 -15.60 15.84
CA ILE A 185 -18.59 -15.78 17.05
C ILE A 185 -17.71 -15.46 18.26
N TRP A 186 -16.47 -15.96 18.21
CA TRP A 186 -15.51 -15.76 19.29
C TRP A 186 -15.28 -14.26 19.50
N LYS A 187 -15.07 -13.55 18.39
CA LYS A 187 -14.77 -12.14 18.37
C LYS A 187 -15.89 -11.33 19.01
N LYS A 188 -17.14 -11.74 18.78
CA LYS A 188 -18.30 -10.97 19.20
C LYS A 188 -18.70 -11.33 20.63
N GLY A 189 -18.15 -12.44 21.14
CA GLY A 189 -18.55 -12.97 22.43
C GLY A 189 -17.81 -12.34 23.61
N PRO A 190 -17.95 -12.90 24.82
CA PRO A 190 -17.36 -12.34 26.03
C PRO A 190 -15.83 -12.26 26.00
N LEU A 191 -15.20 -13.15 25.22
CA LEU A 191 -13.74 -13.21 25.22
C LEU A 191 -13.17 -12.20 24.23
N GLY A 192 -14.05 -11.57 23.44
CA GLY A 192 -13.62 -10.64 22.41
C GLY A 192 -14.15 -9.24 22.64
N GLU A 193 -15.19 -8.87 21.90
CA GLU A 193 -15.75 -7.54 21.96
C GLU A 193 -16.79 -7.42 23.07
N GLY A 194 -17.35 -8.54 23.50
CA GLY A 194 -18.36 -8.55 24.54
C GLY A 194 -19.66 -7.92 24.06
N LYS A 195 -20.01 -8.15 22.80
CA LYS A 195 -21.26 -7.66 22.24
C LYS A 195 -22.38 -8.69 22.47
N VAL A 196 -22.01 -9.98 22.46
CA VAL A 196 -22.98 -11.05 22.59
C VAL A 196 -22.70 -11.79 23.89
N PRO A 197 -23.73 -12.10 24.72
CA PRO A 197 -23.53 -12.81 25.96
C PRO A 197 -22.98 -14.23 25.76
N LEU A 198 -22.47 -14.80 26.84
CA LEU A 198 -21.97 -16.17 26.84
C LEU A 198 -23.03 -17.13 26.30
N GLU A 199 -24.26 -17.00 26.81
CA GLU A 199 -25.37 -17.88 26.43
C GLU A 199 -25.44 -18.00 24.91
N GLU A 200 -25.55 -16.85 24.24
CA GLU A 200 -25.77 -16.80 22.80
C GLU A 200 -24.58 -17.42 22.06
N THR A 201 -23.37 -17.10 22.57
CA THR A 201 -22.12 -17.61 22.05
C THR A 201 -22.12 -19.13 22.10
N VAL A 202 -22.46 -19.72 23.25
CA VAL A 202 -22.51 -21.16 23.39
C VAL A 202 -23.50 -21.73 22.39
N LYS A 203 -24.68 -21.11 22.30
CA LYS A 203 -25.73 -21.56 21.40
C LYS A 203 -25.21 -21.62 19.97
N GLN A 204 -24.61 -20.52 19.52
CA GLN A 204 -24.16 -20.41 18.14
C GLN A 204 -23.06 -21.43 17.87
N PHE A 205 -22.19 -21.69 18.85
CA PHE A 205 -21.14 -22.68 18.64
C PHE A 205 -21.78 -24.07 18.51
N THR A 206 -22.80 -24.37 19.31
CA THR A 206 -23.39 -25.70 19.27
C THR A 206 -24.03 -25.93 17.89
N GLU A 207 -24.59 -24.86 17.31
CA GLU A 207 -25.28 -24.97 16.02
C GLU A 207 -24.26 -25.21 14.91
N LEU A 208 -23.12 -24.51 14.97
CA LEU A 208 -22.03 -24.72 14.03
C LEU A 208 -21.53 -26.16 14.16
N ASP A 209 -21.26 -26.57 15.39
CA ASP A 209 -20.71 -27.89 15.67
C ASP A 209 -21.60 -28.97 15.06
N VAL A 210 -22.92 -28.85 15.25
CA VAL A 210 -23.87 -29.81 14.73
C VAL A 210 -23.85 -29.81 13.21
N SER A 211 -23.79 -28.62 12.61
CA SER A 211 -23.70 -28.51 11.16
C SER A 211 -22.40 -29.16 10.68
N ALA A 212 -21.32 -28.95 11.44
CA ALA A 212 -19.99 -29.31 11.02
C ALA A 212 -19.73 -30.81 11.16
N LYS A 213 -20.52 -31.49 12.01
CA LYS A 213 -20.33 -32.90 12.28
C LYS A 213 -21.51 -33.71 11.78
N VAL A 214 -22.73 -33.33 12.19
CA VAL A 214 -23.91 -34.08 11.80
C VAL A 214 -24.24 -33.78 10.34
N GLY A 215 -24.37 -32.49 10.02
CA GLY A 215 -24.65 -32.08 8.65
C GLY A 215 -23.60 -32.62 7.69
N PHE A 216 -22.33 -32.39 8.02
CA PHE A 216 -21.24 -32.80 7.15
C PHE A 216 -21.21 -34.33 7.02
N GLY A 217 -21.47 -35.02 8.13
CA GLY A 217 -21.54 -36.47 8.14
C GLY A 217 -22.62 -37.00 7.23
N GLU A 218 -23.82 -36.41 7.31
CA GLU A 218 -24.96 -36.83 6.52
CA GLU A 218 -24.95 -36.86 6.50
C GLU A 218 -24.66 -36.62 5.03
N LEU A 219 -24.01 -35.50 4.71
CA LEU A 219 -23.69 -35.15 3.33
C LEU A 219 -22.75 -36.20 2.73
N VAL A 220 -21.69 -36.55 3.47
CA VAL A 220 -20.67 -37.43 2.94
C VAL A 220 -21.18 -38.86 2.94
N LEU A 221 -21.78 -39.29 4.05
CA LEU A 221 -22.17 -40.68 4.23
C LEU A 221 -23.33 -41.06 3.30
N SER A 222 -24.10 -40.07 2.84
CA SER A 222 -25.20 -40.35 1.94
C SER A 222 -24.74 -40.34 0.49
N SER A 223 -23.43 -40.20 0.30
CA SER A 223 -22.84 -40.07 -1.03
C SER A 223 -22.71 -41.44 -1.70
N GLU A 224 -22.82 -41.45 -3.03
CA GLU A 224 -22.61 -42.66 -3.81
C GLU A 224 -21.14 -42.84 -4.14
N ALA A 225 -20.30 -41.91 -3.66
CA ALA A 225 -18.93 -41.77 -4.15
C ALA A 225 -17.91 -42.25 -3.12
N ILE A 226 -18.37 -42.79 -1.99
CA ILE A 226 -17.46 -43.21 -0.93
C ILE A 226 -17.20 -44.72 -1.02
N TYR A 227 -17.69 -45.36 -2.09
CA TYR A 227 -17.57 -46.81 -2.22
C TYR A 227 -16.41 -47.17 -3.15
N SER A 228 -15.83 -48.35 -2.91
CA SER A 228 -14.69 -48.86 -3.66
C SER A 228 -14.97 -48.80 -5.16
N GLY A 229 -14.02 -48.24 -5.92
CA GLY A 229 -14.09 -48.19 -7.38
C GLY A 229 -15.13 -47.16 -7.84
N SER A 230 -15.53 -46.27 -6.94
CA SER A 230 -16.59 -45.30 -7.23
C SER A 230 -16.01 -43.89 -7.30
N GLY A 231 -14.75 -43.75 -6.89
CA GLY A 231 -14.16 -42.43 -6.69
C GLY A 231 -13.09 -42.07 -7.73
N HIS A 232 -12.42 -43.09 -8.28
CA HIS A 232 -11.30 -42.87 -9.18
C HIS A 232 -11.54 -43.62 -10.51
N PRO B 5 7.63 28.49 43.81
CA PRO B 5 8.19 27.12 44.09
C PRO B 5 8.00 26.20 42.89
N GLU B 6 6.81 26.25 42.29
CA GLU B 6 6.50 25.45 41.12
C GLU B 6 6.58 26.30 39.85
N SER B 7 7.15 27.51 39.97
CA SER B 7 7.22 28.42 38.84
C SER B 7 8.06 27.82 37.72
N LYS B 8 9.24 27.27 38.07
CA LYS B 8 10.18 26.84 37.06
C LYS B 8 9.59 25.70 36.25
N TYR B 9 8.76 24.86 36.89
CA TYR B 9 8.18 23.71 36.22
C TYR B 9 7.12 24.19 35.24
N TYR B 10 6.31 25.18 35.65
CA TYR B 10 5.32 25.76 34.77
C TYR B 10 6.04 26.46 33.60
N GLU B 11 7.19 27.08 33.90
CA GLU B 11 7.96 27.81 32.90
CA GLU B 11 7.96 27.81 32.91
C GLU B 11 8.54 26.82 31.89
N LYS B 12 9.05 25.68 32.38
CA LYS B 12 9.64 24.68 31.52
C LYS B 12 8.57 24.09 30.59
N ALA B 13 7.42 23.73 31.17
CA ALA B 13 6.34 23.14 30.38
C ALA B 13 5.94 24.10 29.26
N THR B 14 5.78 25.39 29.59
CA THR B 14 5.32 26.39 28.63
C THR B 14 6.28 26.41 27.44
N GLU B 15 7.59 26.38 27.74
CA GLU B 15 8.63 26.54 26.74
C GLU B 15 8.75 25.27 25.91
N GLU B 16 8.66 24.10 26.57
CA GLU B 16 8.83 22.83 25.88
C GLU B 16 7.67 22.59 24.93
N MET B 17 6.47 23.03 25.33
CA MET B 17 5.28 22.86 24.51
C MET B 17 5.37 23.79 23.30
N GLU B 18 5.81 25.03 23.50
CA GLU B 18 5.92 25.97 22.40
C GLU B 18 6.93 25.45 21.38
N LYS B 19 8.03 24.89 21.89
CA LYS B 19 9.10 24.39 21.03
C LYS B 19 8.59 23.22 20.20
N ALA B 20 7.72 22.39 20.79
CA ALA B 20 7.20 21.21 20.13
C ALA B 20 6.22 21.64 19.04
N TYR B 21 5.31 22.55 19.40
CA TYR B 21 4.37 23.12 18.47
C TYR B 21 5.12 23.62 17.23
N GLU B 22 6.18 24.41 17.46
CA GLU B 22 6.94 25.00 16.36
C GLU B 22 7.63 23.90 15.55
N GLU B 23 8.21 22.92 16.25
CA GLU B 23 8.97 21.87 15.59
C GLU B 23 8.04 21.01 14.73
N PHE B 24 6.87 20.67 15.25
CA PHE B 24 5.93 19.85 14.49
C PHE B 24 5.33 20.69 13.36
N LYS B 25 5.12 21.98 13.63
CA LYS B 25 4.54 22.88 12.65
C LYS B 25 5.48 23.01 11.46
N LYS B 26 6.78 22.85 11.72
CA LYS B 26 7.79 22.94 10.68
C LYS B 26 7.71 21.71 9.79
N LYS B 27 7.79 20.53 10.40
CA LYS B 27 7.82 19.28 9.65
C LYS B 27 6.52 19.12 8.85
N GLY B 28 5.47 19.84 9.28
CA GLY B 28 4.15 19.71 8.67
C GLY B 28 4.05 20.52 7.37
N GLU B 29 4.87 21.56 7.26
N GLU B 29 5.04 21.38 7.13
CA GLU B 29 4.98 22.34 6.04
CA GLU B 29 4.96 22.38 6.08
C GLU B 29 5.74 21.51 5.00
C GLU B 29 4.82 21.73 4.70
N GLY B 30 5.06 21.21 3.89
N GLY B 30 5.73 20.81 4.37
CA GLY B 30 5.65 20.42 2.82
CA GLY B 30 5.86 20.31 3.02
C GLY B 30 4.84 19.16 2.55
C GLY B 30 5.21 18.94 2.82
N VAL B 31 4.16 18.65 3.58
CA VAL B 31 3.45 17.39 3.48
C VAL B 31 2.24 17.56 2.55
N GLU B 32 2.10 16.64 1.60
CA GLU B 32 1.03 16.71 0.61
C GLU B 32 -0.05 15.68 0.93
N ASP B 33 0.37 14.47 1.32
CA ASP B 33 -0.56 13.38 1.59
C ASP B 33 -1.67 13.88 2.52
N GLU B 34 -2.92 13.59 2.15
CA GLU B 34 -4.08 14.06 2.88
C GLU B 34 -4.10 13.43 4.28
N GLU B 35 -3.77 12.14 4.34
CA GLU B 35 -3.78 11.40 5.60
C GLU B 35 -2.69 11.94 6.52
N ALA B 36 -1.46 12.01 6.01
CA ALA B 36 -0.33 12.44 6.82
C ALA B 36 -0.59 13.85 7.36
N LYS B 37 -1.18 14.72 6.54
CA LYS B 37 -1.40 16.10 6.92
C LYS B 37 -2.37 16.16 8.09
N LYS B 38 -3.29 15.19 8.15
CA LYS B 38 -4.29 15.13 9.21
C LYS B 38 -3.60 14.83 10.54
N PHE B 39 -2.60 13.95 10.50
CA PHE B 39 -1.85 13.60 11.70
C PHE B 39 -1.06 14.82 12.18
N TYR B 40 -0.46 15.55 11.23
CA TYR B 40 0.28 16.76 11.58
C TYR B 40 -0.65 17.77 12.22
N ASP B 41 -1.83 17.97 11.63
CA ASP B 41 -2.77 18.96 12.16
C ASP B 41 -3.03 18.67 13.64
N LEU B 42 -3.38 17.41 13.93
CA LEU B 42 -3.78 16.99 15.26
C LEU B 42 -2.62 17.17 16.24
N LEU B 43 -1.44 16.66 15.87
CA LEU B 43 -0.33 16.57 16.81
C LEU B 43 0.38 17.92 16.95
N THR B 44 0.08 18.85 16.05
CA THR B 44 0.55 20.23 16.15
C THR B 44 -0.40 21.02 17.05
N GLU B 45 -1.70 20.72 16.94
CA GLU B 45 -2.72 21.40 17.72
C GLU B 45 -2.56 21.11 19.21
N VAL B 46 -2.16 19.87 19.54
CA VAL B 46 -2.13 19.42 20.93
C VAL B 46 -1.16 20.26 21.75
N PRO B 47 0.14 20.37 21.35
CA PRO B 47 1.10 21.14 22.13
C PRO B 47 0.85 22.64 22.07
N ARG B 48 0.11 23.08 21.04
CA ARG B 48 -0.29 24.47 20.90
C ARG B 48 -1.27 24.81 22.02
N ILE B 49 -2.24 23.93 22.24
CA ILE B 49 -3.25 24.15 23.27
C ILE B 49 -2.56 24.13 24.63
N ALA B 50 -1.63 23.17 24.81
CA ALA B 50 -0.89 23.06 26.05
C ALA B 50 -0.08 24.33 26.30
N TYR B 51 0.60 24.82 25.25
CA TYR B 51 1.40 26.04 25.35
C TYR B 51 0.53 27.18 25.86
N GLU B 52 -0.63 27.36 25.22
CA GLU B 52 -1.53 28.46 25.54
C GLU B 52 -2.01 28.36 26.99
N GLN B 53 -2.32 27.14 27.44
CA GLN B 53 -2.92 26.95 28.74
C GLN B 53 -1.86 27.12 29.83
N TYR B 54 -0.65 26.61 29.58
CA TYR B 54 0.44 26.79 30.52
C TYR B 54 0.81 28.27 30.62
N LYS B 55 0.62 28.99 29.51
CA LYS B 55 0.91 30.42 29.49
C LYS B 55 -0.11 31.18 30.34
N LYS B 56 -1.37 30.72 30.34
CA LYS B 56 -2.39 31.30 31.18
C LYS B 56 -1.99 31.15 32.65
N ILE B 57 -1.39 30.01 33.00
CA ILE B 57 -0.93 29.78 34.36
C ILE B 57 0.21 30.75 34.67
N LEU B 58 1.15 30.90 33.75
CA LEU B 58 2.23 31.86 33.93
C LEU B 58 1.66 33.25 34.18
N ASP B 59 0.57 33.58 33.47
CA ASP B 59 0.08 34.95 33.43
C ASP B 59 -0.93 35.19 34.55
N GLY B 60 -0.98 34.28 35.52
CA GLY B 60 -1.86 34.40 36.66
C GLY B 60 -3.33 34.39 36.25
N GLU B 61 -3.66 33.59 35.24
CA GLU B 61 -5.03 33.53 34.74
C GLU B 61 -5.53 32.08 34.74
N GLY B 62 -4.82 31.18 35.40
CA GLY B 62 -5.09 29.75 35.24
C GLY B 62 -5.12 29.00 36.57
N ILE B 63 -5.21 29.74 37.69
CA ILE B 63 -5.20 29.12 38.99
C ILE B 63 -6.41 29.56 39.81
N GLU B 64 -6.89 28.64 40.66
CA GLU B 64 -7.98 28.92 41.59
C GLU B 64 -7.67 28.26 42.92
N LYS B 65 -7.97 28.96 44.02
CA LYS B 65 -7.68 28.47 45.36
C LYS B 65 -8.83 27.58 45.83
N VAL B 66 -8.47 26.41 46.36
CA VAL B 66 -9.42 25.51 46.99
CA VAL B 66 -9.41 25.50 46.98
C VAL B 66 -8.88 25.15 48.37
N GLU B 67 -9.75 25.21 49.38
CA GLU B 67 -9.30 24.94 50.74
C GLU B 67 -9.46 23.46 51.04
N VAL B 68 -8.36 22.84 51.49
CA VAL B 68 -8.33 21.43 51.82
C VAL B 68 -7.70 21.25 53.20
N ASP B 69 -8.43 20.59 54.09
CA ASP B 69 -7.94 20.31 55.43
C ASP B 69 -7.26 21.55 56.00
N GLY B 70 -7.90 22.70 55.79
CA GLY B 70 -7.50 23.94 56.46
C GLY B 70 -6.54 24.78 55.63
N LYS B 71 -5.90 24.19 54.62
CA LYS B 71 -4.89 24.90 53.86
C LYS B 71 -5.42 25.25 52.47
N GLU B 72 -4.87 26.32 51.89
CA GLU B 72 -5.26 26.77 50.57
C GLU B 72 -4.33 26.14 49.53
N ILE B 73 -4.93 25.49 48.53
CA ILE B 73 -4.17 24.86 47.45
C ILE B 73 -4.42 25.65 46.16
N GLU B 74 -3.33 25.96 45.44
CA GLU B 74 -3.40 26.64 44.17
C GLU B 74 -3.65 25.63 43.05
N VAL B 75 -4.92 25.49 42.65
CA VAL B 75 -5.29 24.52 41.63
C VAL B 75 -5.16 25.17 40.25
N PRO B 76 -4.37 24.56 39.33
CA PRO B 76 -4.26 25.06 37.96
C PRO B 76 -5.41 24.60 37.07
N VAL B 77 -6.52 25.33 37.12
CA VAL B 77 -7.73 24.96 36.38
C VAL B 77 -7.43 25.02 34.88
N ALA B 78 -6.52 25.91 34.47
CA ALA B 78 -6.18 26.06 33.07
C ALA B 78 -5.60 24.75 32.54
N ARG B 79 -4.96 23.98 33.41
CA ARG B 79 -4.36 22.73 32.99
C ARG B 79 -5.46 21.68 32.77
N TYR B 80 -6.54 21.77 33.55
CA TYR B 80 -7.66 20.85 33.35
C TYR B 80 -8.33 21.19 32.02
N GLU B 81 -8.36 22.48 31.67
CA GLU B 81 -8.99 22.88 30.41
C GLU B 81 -8.14 22.38 29.24
N ASP B 82 -6.82 22.45 29.41
CA ASP B 82 -5.89 21.84 28.46
C ASP B 82 -6.27 20.37 28.25
N TRP B 83 -6.14 19.56 29.31
CA TRP B 83 -6.41 18.13 29.23
C TRP B 83 -7.77 17.86 28.57
N GLU B 84 -8.80 18.62 28.98
CA GLU B 84 -10.15 18.42 28.49
C GLU B 84 -10.16 18.48 26.97
N LYS B 85 -9.24 19.28 26.41
CA LYS B 85 -9.18 19.50 24.97
C LYS B 85 -8.21 18.53 24.30
N THR B 86 -7.09 18.21 24.97
CA THR B 86 -6.02 17.49 24.30
C THR B 86 -6.20 15.97 24.43
N THR B 87 -6.79 15.49 25.53
CA THR B 87 -6.89 14.04 25.70
C THR B 87 -7.76 13.46 24.59
N PRO B 88 -8.87 14.12 24.19
CA PRO B 88 -9.67 13.63 23.07
C PRO B 88 -8.89 13.59 21.75
N LEU B 89 -8.09 14.63 21.50
CA LEU B 89 -7.32 14.73 20.27
C LEU B 89 -6.29 13.61 20.21
N LEU B 90 -5.67 13.30 21.35
CA LEU B 90 -4.66 12.26 21.41
C LEU B 90 -5.28 10.90 21.11
N LEU B 91 -6.49 10.66 21.62
CA LEU B 91 -7.17 9.41 21.36
C LEU B 91 -7.59 9.36 19.89
N GLU B 92 -7.93 10.51 19.33
CA GLU B 92 -8.35 10.61 17.94
C GLU B 92 -7.19 10.19 17.02
N VAL B 93 -5.96 10.49 17.44
CA VAL B 93 -4.79 10.09 16.68
C VAL B 93 -4.67 8.56 16.69
N LEU B 94 -4.88 7.95 17.87
CA LEU B 94 -4.84 6.50 17.96
C LEU B 94 -5.92 5.91 17.07
N ALA B 95 -7.12 6.50 17.09
CA ALA B 95 -8.24 5.98 16.32
C ALA B 95 -7.94 6.02 14.83
N ASN B 96 -7.29 7.10 14.39
CA ASN B 96 -7.00 7.31 12.98
C ASN B 96 -5.94 6.32 12.52
N LEU B 97 -5.07 5.88 13.45
CA LEU B 97 -4.03 4.93 13.10
C LEU B 97 -4.63 3.57 12.74
N VAL B 98 -5.80 3.24 13.30
CA VAL B 98 -6.41 1.94 13.09
C VAL B 98 -7.68 2.06 12.24
N ASP B 99 -7.89 3.23 11.63
CA ASP B 99 -9.12 3.47 10.88
C ASP B 99 -10.32 3.03 11.71
N ALA B 100 -10.44 3.55 12.94
CA ALA B 100 -11.46 3.10 13.86
C ALA B 100 -12.84 3.43 13.30
N SER B 101 -13.86 2.70 13.78
CA SER B 101 -15.24 3.03 13.47
C SER B 101 -15.61 4.33 14.18
N GLU B 102 -16.62 5.02 13.65
CA GLU B 102 -17.03 6.29 14.21
C GLU B 102 -17.48 6.07 15.66
N GLU B 103 -18.14 4.93 15.91
CA GLU B 103 -18.71 4.68 17.23
C GLU B 103 -17.59 4.53 18.26
N LEU B 104 -16.51 3.84 17.88
CA LEU B 104 -15.37 3.68 18.76
C LEU B 104 -14.74 5.04 19.04
N LYS B 105 -14.60 5.84 17.98
CA LYS B 105 -13.96 7.14 18.10
C LYS B 105 -14.75 8.03 19.06
N GLU B 106 -16.07 8.02 18.92
CA GLU B 106 -16.94 8.85 19.74
C GLU B 106 -16.90 8.38 21.19
N LYS B 107 -16.79 7.07 21.41
CA LYS B 107 -16.68 6.51 22.75
C LYS B 107 -15.41 7.04 23.41
N LEU B 108 -14.29 6.91 22.71
CA LEU B 108 -13.00 7.32 23.25
C LEU B 108 -13.05 8.80 23.60
N ILE B 109 -13.54 9.62 22.67
CA ILE B 109 -13.52 11.06 22.81
C ILE B 109 -14.39 11.46 24.01
N SER B 110 -15.55 10.81 24.13
CA SER B 110 -16.53 11.14 25.15
C SER B 110 -15.99 10.78 26.53
N LYS B 111 -15.35 9.61 26.64
CA LYS B 111 -14.83 9.14 27.93
C LYS B 111 -13.66 10.02 28.36
N ALA B 112 -12.80 10.44 27.41
CA ALA B 112 -11.67 11.29 27.76
C ALA B 112 -12.17 12.61 28.33
N LYS B 113 -13.24 13.15 27.73
CA LYS B 113 -13.80 14.42 28.18
C LYS B 113 -14.39 14.26 29.58
N GLU B 114 -15.13 13.16 29.80
CA GLU B 114 -15.77 12.91 31.07
C GLU B 114 -14.69 12.71 32.14
N MET B 115 -13.63 12.00 31.75
CA MET B 115 -12.52 11.71 32.65
C MET B 115 -11.99 13.02 33.25
N ILE B 116 -11.73 14.02 32.40
CA ILE B 116 -11.09 15.23 32.86
C ILE B 116 -12.10 16.09 33.60
N THR B 117 -13.36 16.08 33.14
CA THR B 117 -14.42 16.85 33.76
C THR B 117 -14.59 16.42 35.21
N LEU B 118 -14.57 15.11 35.45
CA LEU B 118 -14.73 14.55 36.78
C LEU B 118 -13.52 14.91 37.65
N GLY B 119 -12.33 14.86 37.06
CA GLY B 119 -11.10 15.20 37.75
C GLY B 119 -11.12 16.66 38.21
N LYS B 120 -11.59 17.55 37.34
CA LYS B 120 -11.60 18.97 37.64
C LYS B 120 -12.60 19.24 38.77
N LYS B 121 -13.71 18.50 38.76
CA LYS B 121 -14.71 18.62 39.82
C LYS B 121 -14.08 18.19 41.15
N GLY B 122 -13.35 17.08 41.13
CA GLY B 122 -12.65 16.61 42.31
C GLY B 122 -11.65 17.64 42.82
N ALA B 123 -10.91 18.26 41.89
CA ALA B 123 -9.88 19.23 42.25
C ALA B 123 -10.49 20.45 42.94
N LEU B 124 -11.76 20.76 42.64
CA LEU B 124 -12.41 21.96 43.16
C LEU B 124 -13.36 21.62 44.31
N GLU B 125 -13.44 20.33 44.68
CA GLU B 125 -14.37 19.88 45.71
C GLU B 125 -13.71 19.96 47.08
N THR B 126 -14.34 20.67 48.02
CA THR B 126 -13.79 20.85 49.35
CA THR B 126 -13.80 20.86 49.35
C THR B 126 -14.11 19.64 50.22
N ASP B 127 -15.25 18.99 49.96
CA ASP B 127 -15.68 17.84 50.75
C ASP B 127 -14.80 16.64 50.43
N PRO B 128 -14.09 16.08 51.43
CA PRO B 128 -13.15 15.00 51.20
C PRO B 128 -13.79 13.76 50.58
N GLU B 129 -14.98 13.42 51.05
CA GLU B 129 -15.65 12.20 50.59
C GLU B 129 -16.08 12.36 49.13
N LYS B 130 -16.56 13.56 48.76
CA LYS B 130 -17.01 13.79 47.40
C LYS B 130 -15.81 13.92 46.47
N ARG B 131 -14.72 14.46 47.00
CA ARG B 131 -13.50 14.64 46.22
C ARG B 131 -12.95 13.27 45.82
N PHE B 132 -12.96 12.32 46.78
CA PHE B 132 -12.52 10.97 46.51
C PHE B 132 -13.39 10.33 45.43
N GLU B 133 -14.71 10.52 45.54
CA GLU B 133 -15.66 9.88 44.64
CA GLU B 133 -15.66 9.88 44.64
C GLU B 133 -15.47 10.40 43.21
N TYR B 134 -15.11 11.69 43.07
CA TYR B 134 -14.86 12.25 41.76
C TYR B 134 -13.63 11.58 41.15
N TRP B 135 -12.56 11.48 41.94
CA TRP B 135 -11.35 10.82 41.48
C TRP B 135 -11.64 9.38 41.07
N LYS B 136 -12.40 8.67 41.91
CA LYS B 136 -12.73 7.27 41.63
C LYS B 136 -13.49 7.15 40.32
N LYS B 137 -14.50 8.00 40.11
CA LYS B 137 -15.31 7.93 38.90
C LYS B 137 -14.45 8.27 37.69
N SER B 138 -13.58 9.27 37.82
CA SER B 138 -12.68 9.64 36.74
C SER B 138 -11.79 8.46 36.35
N THR B 139 -11.25 7.74 37.35
CA THR B 139 -10.35 6.63 37.09
CA THR B 139 -10.35 6.63 37.08
C THR B 139 -11.12 5.53 36.35
N GLU B 140 -12.42 5.41 36.61
CA GLU B 140 -13.24 4.41 35.94
C GLU B 140 -13.30 4.72 34.45
N LYS B 141 -13.41 6.00 34.09
CA LYS B 141 -13.39 6.41 32.70
C LYS B 141 -12.05 6.08 32.07
N MET B 142 -10.96 6.39 32.78
CA MET B 142 -9.62 6.10 32.28
C MET B 142 -9.51 4.61 31.98
N ASN B 143 -9.95 3.77 32.92
CA ASN B 143 -9.81 2.33 32.77
C ASN B 143 -10.63 1.83 31.58
N GLU B 144 -11.79 2.45 31.33
CA GLU B 144 -12.64 2.08 30.21
C GLU B 144 -11.94 2.42 28.89
N ILE B 145 -11.23 3.56 28.89
CA ILE B 145 -10.44 3.97 27.73
C ILE B 145 -9.33 2.95 27.47
N ILE B 146 -8.57 2.62 28.52
CA ILE B 146 -7.48 1.66 28.42
C ILE B 146 -8.01 0.31 27.92
N ASP B 147 -9.16 -0.10 28.45
CA ASP B 147 -9.73 -1.38 28.05
C ASP B 147 -10.06 -1.37 26.55
N LEU B 148 -10.63 -0.26 26.07
CA LEU B 148 -10.99 -0.14 24.66
C LEU B 148 -9.73 -0.29 23.80
N LEU B 149 -8.68 0.44 24.19
CA LEU B 149 -7.43 0.48 23.44
C LEU B 149 -6.78 -0.90 23.37
N GLU B 150 -6.91 -1.66 24.46
CA GLU B 150 -6.24 -2.93 24.61
C GLU B 150 -7.00 -4.06 23.92
N ASN B 151 -8.26 -3.78 23.54
CA ASN B 151 -9.19 -4.82 23.09
C ASN B 151 -8.66 -5.50 21.83
N GLY B 152 -8.28 -4.71 20.83
CA GLY B 152 -7.77 -5.24 19.58
C GLY B 152 -8.89 -5.49 18.56
N PHE B 153 -9.85 -6.35 18.95
CA PHE B 153 -10.98 -6.66 18.08
C PHE B 153 -11.68 -5.39 17.66
N LYS B 154 -11.90 -4.49 18.61
CA LYS B 154 -12.65 -3.26 18.35
C LYS B 154 -11.87 -2.35 17.40
N GLU B 155 -10.54 -2.52 17.31
CA GLU B 155 -9.73 -1.71 16.41
C GLU B 155 -9.48 -2.45 15.08
N ASN B 156 -10.08 -3.63 14.93
CA ASN B 156 -9.89 -4.45 13.75
C ASN B 156 -8.41 -4.50 13.37
N LEU B 157 -7.58 -4.90 14.33
CA LEU B 157 -6.14 -4.95 14.14
C LEU B 157 -5.78 -6.02 13.10
N SER B 158 -6.57 -7.10 13.03
CA SER B 158 -6.21 -8.23 12.20
C SER B 158 -6.33 -7.87 10.71
N SER B 159 -6.93 -6.71 10.41
CA SER B 159 -7.10 -6.30 9.02
C SER B 159 -6.21 -5.10 8.69
N LEU B 160 -5.36 -4.69 9.65
CA LEU B 160 -4.47 -3.55 9.46
C LEU B 160 -3.19 -3.97 8.75
N LYS B 161 -2.68 -3.09 7.88
CA LYS B 161 -1.35 -3.24 7.33
C LYS B 161 -0.34 -3.29 8.48
N PRO B 162 0.63 -4.24 8.45
CA PRO B 162 1.55 -4.43 9.56
C PRO B 162 2.15 -3.14 10.13
N GLU B 163 2.64 -2.25 9.25
CA GLU B 163 3.38 -1.08 9.68
C GLU B 163 2.49 -0.20 10.56
N ARG B 164 1.21 -0.13 10.21
CA ARG B 164 0.24 0.69 10.92
C ARG B 164 -0.10 0.01 12.24
N LYS B 165 -0.23 -1.31 12.22
CA LYS B 165 -0.50 -2.08 13.42
C LYS B 165 0.62 -1.86 14.43
N LYS B 166 1.86 -1.85 13.93
CA LYS B 166 3.04 -1.72 14.77
C LYS B 166 3.06 -0.37 15.47
N THR B 167 2.80 0.71 14.71
CA THR B 167 2.85 2.05 15.28
C THR B 167 1.74 2.19 16.32
N TYR B 168 0.55 1.67 16.02
CA TYR B 168 -0.55 1.74 16.95
C TYR B 168 -0.17 1.06 18.25
N GLU B 169 0.44 -0.11 18.15
CA GLU B 169 0.81 -0.86 19.32
C GLU B 169 1.84 -0.07 20.13
N GLU B 170 2.78 0.58 19.45
CA GLU B 170 3.80 1.35 20.14
C GLU B 170 3.14 2.55 20.82
N ALA B 171 2.20 3.20 20.11
CA ALA B 171 1.59 4.42 20.59
C ALA B 171 0.63 4.11 21.74
N ARG B 172 -0.08 2.99 21.62
CA ARG B 172 -0.99 2.52 22.64
C ARG B 172 -0.23 2.25 23.94
N LYS B 173 0.91 1.58 23.82
CA LYS B 173 1.70 1.18 24.97
C LYS B 173 2.14 2.43 25.74
N LEU B 174 2.62 3.43 25.01
CA LEU B 174 3.10 4.66 25.59
C LEU B 174 1.95 5.38 26.28
N THR B 175 0.81 5.46 25.59
CA THR B 175 -0.38 6.11 26.11
C THR B 175 -0.76 5.47 27.44
N ILE B 176 -0.85 4.14 27.48
CA ILE B 176 -1.35 3.45 28.65
C ILE B 176 -0.34 3.63 29.80
N GLU B 177 0.96 3.57 29.48
CA GLU B 177 1.98 3.69 30.51
C GLU B 177 1.96 5.09 31.13
N LEU B 178 1.77 6.12 30.30
CA LEU B 178 1.80 7.50 30.77
C LEU B 178 0.48 7.83 31.49
N TRP B 179 -0.64 7.62 30.79
CA TRP B 179 -1.92 8.08 31.32
C TRP B 179 -2.22 7.44 32.67
N SER B 180 -1.78 6.19 32.86
CA SER B 180 -2.08 5.46 34.09
CA SER B 180 -2.06 5.45 34.08
C SER B 180 -1.42 6.13 35.29
N LYS B 181 -0.41 6.97 35.05
CA LYS B 181 0.34 7.56 36.14
C LYS B 181 -0.37 8.79 36.70
N TYR B 182 -1.26 9.41 35.90
CA TYR B 182 -1.85 10.67 36.28
C TYR B 182 -2.66 10.50 37.58
N PRO B 183 -3.60 9.52 37.63
CA PRO B 183 -4.40 9.33 38.84
C PRO B 183 -3.57 9.08 40.09
N GLU B 184 -2.43 8.42 39.91
CA GLU B 184 -1.59 8.03 41.03
C GLU B 184 -0.88 9.27 41.60
N ILE B 185 -0.44 10.16 40.71
CA ILE B 185 0.17 11.40 41.16
C ILE B 185 -0.87 12.21 41.95
N TRP B 186 -2.07 12.32 41.38
CA TRP B 186 -3.17 13.08 41.98
C TRP B 186 -3.49 12.53 43.37
N LYS B 187 -3.49 11.20 43.47
CA LYS B 187 -3.81 10.50 44.71
C LYS B 187 -2.77 10.81 45.80
N LYS B 188 -1.49 10.92 45.43
CA LYS B 188 -0.42 11.08 46.41
CA LYS B 188 -0.42 11.08 46.41
C LYS B 188 -0.26 12.54 46.79
N GLY B 189 -0.82 13.44 45.97
CA GLY B 189 -0.66 14.87 46.14
C GLY B 189 -1.61 15.47 47.17
N PRO B 190 -1.66 16.82 47.24
CA PRO B 190 -2.43 17.52 48.27
C PRO B 190 -3.94 17.29 48.20
N LEU B 191 -4.45 16.99 47.00
CA LEU B 191 -5.88 16.80 46.81
C LEU B 191 -6.28 15.40 47.25
N GLY B 192 -5.29 14.52 47.43
CA GLY B 192 -5.56 13.12 47.72
C GLY B 192 -5.15 12.76 49.15
N GLU B 193 -4.00 12.08 49.27
CA GLU B 193 -3.51 11.59 50.54
C GLU B 193 -2.60 12.63 51.20
N GLY B 194 -2.13 13.61 50.42
CA GLY B 194 -1.28 14.67 50.94
C GLY B 194 0.09 14.13 51.36
N LYS B 195 0.63 13.21 50.57
CA LYS B 195 1.92 12.62 50.88
C LYS B 195 3.03 13.42 50.19
N VAL B 196 2.70 13.99 49.03
CA VAL B 196 3.65 14.72 48.22
C VAL B 196 3.16 16.16 48.11
N PRO B 197 4.04 17.18 48.30
CA PRO B 197 3.63 18.57 48.16
C PRO B 197 3.15 18.92 46.75
N LEU B 198 2.53 20.09 46.67
CA LEU B 198 2.02 20.61 45.40
CA LEU B 198 2.02 20.61 45.40
C LEU B 198 3.16 20.71 44.39
N GLU B 199 4.31 21.23 44.86
CA GLU B 199 5.45 21.45 44.01
C GLU B 199 5.81 20.17 43.25
N GLU B 200 5.89 19.06 43.97
CA GLU B 200 6.31 17.79 43.39
C GLU B 200 5.28 17.33 42.36
N THR B 201 4.01 17.47 42.74
CA THR B 201 2.90 17.07 41.90
C THR B 201 2.94 17.82 40.57
N VAL B 202 3.24 19.12 40.66
CA VAL B 202 3.30 19.96 39.47
C VAL B 202 4.44 19.50 38.57
N LYS B 203 5.61 19.26 39.17
CA LYS B 203 6.76 18.76 38.45
C LYS B 203 6.41 17.49 37.68
N GLN B 204 5.81 16.52 38.38
CA GLN B 204 5.56 15.21 37.80
C GLN B 204 4.52 15.33 36.69
N PHE B 205 3.52 16.22 36.87
CA PHE B 205 2.48 16.39 35.86
C PHE B 205 3.09 17.05 34.62
N THR B 206 4.03 18.01 34.79
CA THR B 206 4.63 18.67 33.64
C THR B 206 5.46 17.66 32.85
N GLU B 207 6.20 16.80 33.56
CA GLU B 207 7.00 15.77 32.92
C GLU B 207 6.13 14.86 32.08
N LEU B 208 5.00 14.42 32.66
CA LEU B 208 4.11 13.49 31.97
C LEU B 208 3.54 14.14 30.71
N ASP B 209 3.02 15.36 30.89
CA ASP B 209 2.41 16.11 29.80
C ASP B 209 3.38 16.18 28.62
N VAL B 210 4.66 16.44 28.89
CA VAL B 210 5.64 16.55 27.83
C VAL B 210 5.85 15.17 27.18
N SER B 211 5.93 14.11 27.99
CA SER B 211 6.05 12.78 27.44
C SER B 211 4.83 12.45 26.58
N ALA B 212 3.66 12.92 27.02
CA ALA B 212 2.40 12.46 26.44
C ALA B 212 2.06 13.25 25.17
N LYS B 213 2.73 14.38 24.96
CA LYS B 213 2.42 15.25 23.84
C LYS B 213 3.61 15.36 22.88
N VAL B 214 4.81 15.57 23.45
CA VAL B 214 6.01 15.73 22.65
C VAL B 214 6.57 14.36 22.27
N GLY B 215 6.84 13.53 23.28
CA GLY B 215 7.28 12.17 23.02
C GLY B 215 6.31 11.44 22.09
N PHE B 216 5.02 11.51 22.42
CA PHE B 216 4.00 10.80 21.66
C PHE B 216 3.97 11.33 20.24
N GLY B 217 3.93 12.67 20.11
CA GLY B 217 3.88 13.29 18.80
C GLY B 217 5.05 12.86 17.92
N GLU B 218 6.25 12.88 18.51
CA GLU B 218 7.47 12.50 17.79
C GLU B 218 7.36 11.04 17.34
N LEU B 219 6.93 10.18 18.26
CA LEU B 219 6.78 8.77 17.97
C LEU B 219 5.94 8.58 16.71
N VAL B 220 4.77 9.22 16.68
CA VAL B 220 3.80 9.01 15.63
C VAL B 220 4.24 9.71 14.35
N LEU B 221 4.71 10.96 14.48
CA LEU B 221 5.03 11.78 13.32
C LEU B 221 6.28 11.26 12.62
N SER B 222 7.06 10.40 13.28
CA SER B 222 8.28 9.87 12.69
C SER B 222 8.03 8.51 12.04
N SER B 223 6.75 8.10 11.99
CA SER B 223 6.39 6.79 11.50
CA SER B 223 6.39 6.78 11.50
C SER B 223 5.89 6.88 10.06
N GLU B 224 6.09 5.79 9.31
CA GLU B 224 5.59 5.68 7.94
C GLU B 224 4.09 5.41 7.98
N ALA B 225 3.58 5.11 9.18
CA ALA B 225 2.20 4.67 9.37
C ALA B 225 1.22 5.79 9.04
N ILE B 226 1.69 7.05 9.06
CA ILE B 226 0.80 8.18 8.91
C ILE B 226 0.51 8.42 7.43
N TYR B 227 1.18 7.66 6.56
CA TYR B 227 0.98 7.79 5.12
C TYR B 227 0.01 6.72 4.64
N SER B 228 -0.71 7.00 3.55
CA SER B 228 -1.77 6.14 3.06
C SER B 228 -1.18 4.92 2.33
N ARG C 4 4.97 33.79 7.70
CA ARG C 4 5.53 34.53 6.54
C ARG C 4 4.58 34.40 5.35
N PRO C 5 4.24 35.52 4.66
CA PRO C 5 3.33 35.47 3.53
C PRO C 5 3.95 34.89 2.25
N GLU C 6 5.27 34.65 2.27
CA GLU C 6 5.95 34.15 1.09
C GLU C 6 6.12 32.64 1.18
N SER C 7 5.76 32.08 2.33
CA SER C 7 5.84 30.64 2.55
C SER C 7 4.92 29.90 1.56
N LYS C 8 3.71 30.41 1.38
CA LYS C 8 2.75 29.77 0.49
C LYS C 8 3.38 29.62 -0.90
N TYR C 9 4.18 30.61 -1.32
CA TYR C 9 4.70 30.63 -2.68
C TYR C 9 5.89 29.68 -2.77
N TYR C 10 6.68 29.61 -1.69
CA TYR C 10 7.80 28.68 -1.64
C TYR C 10 7.25 27.25 -1.65
N GLU C 11 6.07 27.07 -1.05
CA GLU C 11 5.46 25.75 -0.97
C GLU C 11 4.94 25.33 -2.35
N LYS C 12 4.24 26.25 -3.02
CA LYS C 12 3.70 26.01 -4.35
C LYS C 12 4.85 25.63 -5.29
N ALA C 13 5.95 26.37 -5.22
CA ALA C 13 7.09 26.12 -6.09
C ALA C 13 7.65 24.73 -5.81
N THR C 14 7.78 24.38 -4.53
CA THR C 14 8.34 23.08 -4.16
C THR C 14 7.51 21.98 -4.84
N GLU C 15 6.19 22.15 -4.83
CA GLU C 15 5.28 21.10 -5.27
C GLU C 15 5.30 20.99 -6.79
N GLU C 16 5.23 22.13 -7.49
CA GLU C 16 5.18 22.15 -8.94
C GLU C 16 6.48 21.58 -9.51
N MET C 17 7.61 21.87 -8.85
CA MET C 17 8.90 21.38 -9.31
C MET C 17 8.99 19.88 -9.05
N GLU C 18 8.43 19.42 -7.93
CA GLU C 18 8.44 18.00 -7.60
C GLU C 18 7.61 17.23 -8.64
N LYS C 19 6.41 17.74 -8.92
CA LYS C 19 5.54 17.17 -9.94
C LYS C 19 6.28 17.07 -11.27
N ALA C 20 6.99 18.15 -11.64
CA ALA C 20 7.63 18.22 -12.95
C ALA C 20 8.74 17.18 -13.06
N TYR C 21 9.60 17.12 -12.04
CA TYR C 21 10.69 16.17 -11.98
C TYR C 21 10.16 14.75 -12.20
N GLU C 22 9.17 14.37 -11.38
CA GLU C 22 8.64 13.01 -11.40
C GLU C 22 8.11 12.68 -12.79
N GLU C 23 7.38 13.65 -13.37
CA GLU C 23 6.74 13.47 -14.66
C GLU C 23 7.81 13.27 -15.75
N PHE C 24 8.85 14.12 -15.73
CA PHE C 24 9.88 14.05 -16.76
C PHE C 24 10.62 12.73 -16.64
N LYS C 25 10.93 12.33 -15.40
CA LYS C 25 11.62 11.07 -15.17
C LYS C 25 10.81 9.91 -15.75
N LYS C 26 9.48 9.99 -15.56
CA LYS C 26 8.58 8.95 -16.02
C LYS C 26 8.65 8.87 -17.55
N LYS C 27 8.55 10.02 -18.22
CA LYS C 27 8.56 10.05 -19.67
C LYS C 27 9.89 9.53 -20.21
N GLY C 28 10.96 9.72 -19.43
CA GLY C 28 12.29 9.32 -19.85
C GLY C 28 12.52 7.81 -19.67
N GLU C 29 11.65 7.17 -18.89
CA GLU C 29 11.80 5.77 -18.54
C GLU C 29 11.80 4.90 -19.79
N GLY C 30 12.92 4.23 -20.05
CA GLY C 30 13.01 3.22 -21.10
C GLY C 30 13.42 3.82 -22.45
N VAL C 31 13.72 5.12 -22.46
CA VAL C 31 14.16 5.77 -23.68
C VAL C 31 15.61 5.37 -23.94
N GLU C 32 15.87 4.77 -25.10
CA GLU C 32 17.15 4.16 -25.40
C GLU C 32 18.00 5.10 -26.26
N ASP C 33 17.34 5.81 -27.19
CA ASP C 33 18.01 6.75 -28.07
C ASP C 33 18.98 7.60 -27.23
N GLU C 34 20.27 7.54 -27.59
CA GLU C 34 21.30 8.16 -26.77
C GLU C 34 21.08 9.67 -26.70
N GLU C 35 20.67 10.27 -27.82
CA GLU C 35 20.51 11.72 -27.87
C GLU C 35 19.32 12.13 -27.01
N ALA C 36 18.18 11.49 -27.22
CA ALA C 36 16.96 11.85 -26.51
C ALA C 36 17.16 11.68 -25.00
N LYS C 37 17.91 10.64 -24.62
CA LYS C 37 18.13 10.36 -23.21
C LYS C 37 18.90 11.51 -22.57
N LYS C 38 19.84 12.09 -23.33
CA LYS C 38 20.63 13.20 -22.83
C LYS C 38 19.72 14.38 -22.48
N PHE C 39 18.68 14.61 -23.30
CA PHE C 39 17.75 15.69 -23.05
C PHE C 39 16.91 15.38 -21.81
N TYR C 40 16.49 14.12 -21.67
CA TYR C 40 15.69 13.72 -20.52
C TYR C 40 16.52 13.90 -19.25
N ASP C 41 17.81 13.53 -19.34
CA ASP C 41 18.70 13.65 -18.20
C ASP C 41 18.76 15.10 -17.73
N LEU C 42 19.05 16.02 -18.68
CA LEU C 42 19.24 17.42 -18.37
C LEU C 42 17.95 18.03 -17.80
N LEU C 43 16.82 17.77 -18.48
CA LEU C 43 15.59 18.49 -18.22
C LEU C 43 14.84 17.87 -17.05
N THR C 44 15.27 16.68 -16.62
CA THR C 44 14.79 16.08 -15.38
C THR C 44 15.58 16.66 -14.21
N GLU C 45 16.89 16.81 -14.40
CA GLU C 45 17.78 17.29 -13.36
C GLU C 45 17.38 18.71 -12.94
N VAL C 46 16.98 19.53 -13.91
CA VAL C 46 16.73 20.95 -13.67
C VAL C 46 15.64 21.14 -12.62
N PRO C 47 14.42 20.57 -12.80
CA PRO C 47 13.37 20.72 -11.78
C PRO C 47 13.67 20.00 -10.47
N ARG C 48 14.51 18.96 -10.53
CA ARG C 48 14.91 18.25 -9.33
C ARG C 48 15.71 19.20 -8.43
N ILE C 49 16.67 19.91 -9.03
CA ILE C 49 17.50 20.84 -8.29
C ILE C 49 16.62 21.94 -7.70
N ALA C 50 15.68 22.44 -8.50
CA ALA C 50 14.80 23.50 -8.04
C ALA C 50 13.96 22.99 -6.86
N TYR C 51 13.43 21.77 -7.00
CA TYR C 51 12.64 21.16 -5.93
C TYR C 51 13.47 21.14 -4.64
N GLU C 52 14.70 20.63 -4.74
CA GLU C 52 15.55 20.48 -3.58
C GLU C 52 15.79 21.83 -2.90
N GLN C 53 16.02 22.88 -3.71
CA GLN C 53 16.42 24.17 -3.19
C GLN C 53 15.21 24.89 -2.57
N TYR C 54 14.06 24.81 -3.25
CA TYR C 54 12.84 25.42 -2.74
C TYR C 54 12.41 24.72 -1.45
N LYS C 55 12.62 23.40 -1.41
CA LYS C 55 12.24 22.60 -0.25
C LYS C 55 13.02 23.08 0.97
N LYS C 56 14.32 23.37 0.76
CA LYS C 56 15.17 23.89 1.83
C LYS C 56 14.55 25.16 2.41
N ILE C 57 14.16 26.07 1.51
CA ILE C 57 13.60 27.35 1.93
C ILE C 57 12.33 27.10 2.73
N LEU C 58 11.43 26.29 2.15
CA LEU C 58 10.20 25.87 2.79
C LEU C 58 10.50 25.30 4.18
N ASP C 59 11.64 24.61 4.32
CA ASP C 59 12.02 24.00 5.59
C ASP C 59 12.83 25.00 6.41
N GLY C 60 12.77 26.28 6.01
N GLY C 60 12.58 26.30 6.18
CA GLY C 60 13.50 27.35 6.66
CA GLY C 60 13.14 27.36 7.01
C GLY C 60 14.96 26.96 6.90
C GLY C 60 14.65 27.48 6.86
N GLU C 61 15.81 27.13 5.88
N GLU C 61 15.21 26.89 5.79
CA GLU C 61 17.21 26.77 5.98
CA GLU C 61 16.63 27.02 5.51
C GLU C 61 18.00 27.36 4.81
C GLU C 61 16.81 27.83 4.23
N GLY C 62 17.32 28.07 3.91
N GLY C 62 18.08 28.12 3.91
CA GLY C 62 17.95 28.62 2.73
CA GLY C 62 18.43 28.73 2.63
C GLY C 62 17.71 30.12 2.59
C GLY C 62 18.05 30.20 2.55
N ILE C 63 17.88 30.85 3.71
CA ILE C 63 17.56 32.26 3.77
C ILE C 63 18.63 33.02 4.55
N GLU C 64 18.88 34.27 4.15
CA GLU C 64 19.82 35.14 4.85
C GLU C 64 19.21 36.53 4.97
N LYS C 65 19.35 37.14 6.15
CA LYS C 65 18.77 38.45 6.43
C LYS C 65 19.71 39.55 5.96
N VAL C 66 19.16 40.52 5.23
CA VAL C 66 19.93 41.69 4.81
C VAL C 66 19.13 42.94 5.20
N GLU C 67 19.86 43.99 5.57
CA GLU C 67 19.25 45.23 6.05
C GLU C 67 19.04 46.20 4.87
N VAL C 68 17.77 46.54 4.63
CA VAL C 68 17.44 47.49 3.57
C VAL C 68 16.64 48.63 4.18
N ASP C 69 17.22 49.84 4.14
CA ASP C 69 16.55 51.04 4.63
C ASP C 69 16.01 50.77 6.05
N GLY C 70 16.83 50.13 6.87
CA GLY C 70 16.53 49.97 8.29
C GLY C 70 15.55 48.84 8.56
N LYS C 71 15.30 47.99 7.56
CA LYS C 71 14.40 46.86 7.73
C LYS C 71 15.07 45.57 7.24
N GLU C 72 14.77 44.46 7.93
CA GLU C 72 15.41 43.19 7.64
C GLU C 72 14.62 42.48 6.53
N ILE C 73 15.33 42.07 5.46
CA ILE C 73 14.69 41.38 4.35
C ILE C 73 15.28 39.97 4.24
N GLU C 74 14.40 38.98 4.10
CA GLU C 74 14.79 37.59 4.01
CA GLU C 74 14.81 37.59 4.02
C GLU C 74 15.12 37.24 2.56
N VAL C 75 16.42 37.17 2.24
CA VAL C 75 16.85 36.85 0.90
C VAL C 75 17.04 35.34 0.76
N PRO C 76 16.41 34.69 -0.24
CA PRO C 76 16.53 33.25 -0.43
C PRO C 76 17.79 32.85 -1.19
N VAL C 77 18.90 32.75 -0.46
CA VAL C 77 20.18 32.42 -1.05
C VAL C 77 20.12 31.03 -1.68
N ALA C 78 19.26 30.15 -1.15
CA ALA C 78 19.14 28.79 -1.69
C ALA C 78 18.66 28.83 -3.14
N ARG C 79 17.84 29.84 -3.46
CA ARG C 79 17.29 30.00 -4.80
C ARG C 79 18.38 30.49 -5.75
N TYR C 80 19.24 31.38 -5.27
CA TYR C 80 20.37 31.82 -6.09
C TYR C 80 21.25 30.61 -6.38
N GLU C 81 21.37 29.69 -5.41
CA GLU C 81 22.16 28.48 -5.57
C GLU C 81 21.49 27.54 -6.58
N ASP C 82 20.14 27.53 -6.60
CA ASP C 82 19.39 26.82 -7.62
C ASP C 82 19.76 27.39 -8.99
N TRP C 83 19.59 28.70 -9.15
CA TRP C 83 19.81 29.35 -10.44
C TRP C 83 21.23 29.11 -10.92
N GLU C 84 22.20 29.18 -10.01
CA GLU C 84 23.61 29.05 -10.35
C GLU C 84 23.88 27.71 -11.03
N LYS C 85 23.09 26.68 -10.67
CA LYS C 85 23.27 25.34 -11.22
C LYS C 85 22.39 25.12 -12.45
N THR C 86 21.17 25.69 -12.43
CA THR C 86 20.17 25.33 -13.42
C THR C 86 20.28 26.19 -14.67
N THR C 87 20.71 27.46 -14.55
CA THR C 87 20.73 28.34 -15.72
C THR C 87 21.71 27.78 -16.76
N PRO C 88 22.89 27.27 -16.37
CA PRO C 88 23.79 26.67 -17.35
C PRO C 88 23.23 25.41 -18.00
N LEU C 89 22.57 24.57 -17.18
CA LEU C 89 21.99 23.33 -17.66
C LEU C 89 20.96 23.65 -18.74
N LEU C 90 20.18 24.71 -18.51
CA LEU C 90 19.15 25.12 -19.45
C LEU C 90 19.79 25.62 -20.75
N LEU C 91 20.92 26.35 -20.63
CA LEU C 91 21.59 26.84 -21.83
C LEU C 91 22.24 25.67 -22.57
N GLU C 92 22.67 24.65 -21.84
CA GLU C 92 23.24 23.44 -22.44
C GLU C 92 22.20 22.76 -23.33
N VAL C 93 20.95 22.71 -22.86
CA VAL C 93 19.87 22.14 -23.63
C VAL C 93 19.78 22.88 -24.97
N LEU C 94 19.82 24.21 -24.91
CA LEU C 94 19.69 25.02 -26.11
C LEU C 94 20.85 24.71 -27.05
N ALA C 95 22.06 24.62 -26.48
CA ALA C 95 23.25 24.35 -27.26
C ALA C 95 23.18 22.97 -27.92
N ASN C 96 22.63 21.99 -27.20
CA ASN C 96 22.54 20.63 -27.73
C ASN C 96 21.51 20.57 -28.85
N LEU C 97 20.53 21.48 -28.86
CA LEU C 97 19.52 21.48 -29.92
C LEU C 97 20.14 21.91 -31.25
N VAL C 98 21.23 22.69 -31.19
CA VAL C 98 21.82 23.23 -32.41
C VAL C 98 23.19 22.62 -32.66
N ASP C 99 23.58 21.64 -31.84
CA ASP C 99 24.91 21.04 -31.96
C ASP C 99 25.96 22.15 -31.94
N ALA C 100 25.94 22.97 -30.89
CA ALA C 100 26.80 24.14 -30.79
C ALA C 100 28.25 23.70 -30.58
N SER C 101 29.19 24.53 -31.02
CA SER C 101 30.60 24.26 -30.75
C SER C 101 30.80 24.25 -29.25
N GLU C 102 31.86 23.57 -28.80
CA GLU C 102 32.16 23.44 -27.39
C GLU C 102 32.50 24.81 -26.80
N GLU C 103 33.19 25.65 -27.59
CA GLU C 103 33.56 26.99 -27.14
C GLU C 103 32.31 27.82 -26.86
N LEU C 104 31.30 27.74 -27.73
CA LEU C 104 30.07 28.51 -27.54
C LEU C 104 29.35 28.01 -26.28
N LYS C 105 29.30 26.68 -26.13
CA LYS C 105 28.68 26.05 -24.98
C LYS C 105 29.35 26.53 -23.71
N GLU C 106 30.69 26.61 -23.73
CA GLU C 106 31.45 27.02 -22.55
C GLU C 106 31.21 28.50 -22.23
N LYS C 107 31.07 29.32 -23.29
CA LYS C 107 30.80 30.74 -23.14
C LYS C 107 29.47 30.94 -22.44
N LEU C 108 28.44 30.24 -22.92
CA LEU C 108 27.10 30.34 -22.35
C LEU C 108 27.10 29.93 -20.89
N ILE C 109 27.73 28.78 -20.60
CA ILE C 109 27.78 28.24 -19.25
C ILE C 109 28.46 29.25 -18.33
N SER C 110 29.62 29.76 -18.76
CA SER C 110 30.41 30.68 -17.97
C SER C 110 29.59 31.92 -17.63
N LYS C 111 28.89 32.47 -18.62
CA LYS C 111 28.16 33.73 -18.47
C LYS C 111 26.95 33.54 -17.57
N ALA C 112 26.27 32.39 -17.67
CA ALA C 112 25.11 32.12 -16.83
C ALA C 112 25.54 32.02 -15.37
N LYS C 113 26.64 31.30 -15.12
CA LYS C 113 27.19 31.20 -13.77
C LYS C 113 27.51 32.60 -13.24
N GLU C 114 28.16 33.42 -14.06
CA GLU C 114 28.58 34.75 -13.65
CA GLU C 114 28.57 34.76 -13.66
C GLU C 114 27.35 35.62 -13.36
N MET C 115 26.36 35.54 -14.24
CA MET C 115 25.13 36.30 -14.12
C MET C 115 24.52 36.10 -12.73
N ILE C 116 24.43 34.84 -12.29
CA ILE C 116 23.82 34.55 -11.00
C ILE C 116 24.74 34.96 -9.86
N THR C 117 26.06 34.78 -10.03
CA THR C 117 26.99 35.11 -8.98
C THR C 117 26.96 36.61 -8.67
N LEU C 118 26.88 37.42 -9.72
CA LEU C 118 26.81 38.87 -9.55
C LEU C 118 25.48 39.27 -8.89
N GLY C 119 24.39 38.67 -9.37
CA GLY C 119 23.07 38.98 -8.83
C GLY C 119 23.01 38.65 -7.34
N LYS C 120 23.60 37.52 -6.95
CA LYS C 120 23.59 37.09 -5.56
C LYS C 120 24.42 38.06 -4.72
N LYS C 121 25.58 38.45 -5.24
CA LYS C 121 26.42 39.41 -4.54
C LYS C 121 25.65 40.71 -4.33
N GLY C 122 24.89 41.11 -5.36
CA GLY C 122 24.06 42.30 -5.27
C GLY C 122 23.04 42.19 -4.15
N ALA C 123 22.40 41.02 -4.06
CA ALA C 123 21.31 40.81 -3.12
C ALA C 123 21.82 40.79 -1.69
N LEU C 124 23.08 40.39 -1.50
CA LEU C 124 23.63 40.20 -0.17
C LEU C 124 24.44 41.41 0.27
N GLU C 125 24.57 42.42 -0.59
CA GLU C 125 25.41 43.57 -0.33
C GLU C 125 24.97 44.26 0.96
N THR C 126 25.96 44.68 1.75
CA THR C 126 25.72 45.53 2.90
C THR C 126 26.02 46.98 2.50
N ASP C 127 26.61 47.17 1.32
CA ASP C 127 26.79 48.51 0.74
C ASP C 127 25.64 48.77 -0.23
N PRO C 128 24.64 49.59 0.16
CA PRO C 128 23.43 49.78 -0.64
C PRO C 128 23.71 50.23 -2.08
N GLU C 129 24.75 51.05 -2.26
CA GLU C 129 25.10 51.54 -3.59
C GLU C 129 25.48 50.37 -4.51
N LYS C 130 25.98 49.28 -3.94
CA LYS C 130 26.50 48.18 -4.74
C LYS C 130 25.40 47.20 -5.14
N ARG C 131 24.19 47.42 -4.64
CA ARG C 131 23.05 46.64 -5.09
C ARG C 131 22.82 46.93 -6.58
N PHE C 132 22.73 48.20 -6.95
CA PHE C 132 22.54 48.60 -8.33
C PHE C 132 23.75 48.15 -9.15
N GLU C 133 24.96 48.36 -8.61
CA GLU C 133 26.18 48.08 -9.33
C GLU C 133 26.19 46.63 -9.83
N TYR C 134 25.87 45.68 -8.95
CA TYR C 134 25.94 44.27 -9.27
C TYR C 134 24.73 43.83 -10.10
N TRP C 135 23.55 44.39 -9.83
CA TRP C 135 22.40 44.14 -10.69
C TRP C 135 22.75 44.49 -12.14
N LYS C 136 23.43 45.62 -12.33
CA LYS C 136 23.72 46.11 -13.67
C LYS C 136 24.75 45.19 -14.35
N LYS C 137 25.78 44.80 -13.61
CA LYS C 137 26.79 43.89 -14.14
C LYS C 137 26.14 42.57 -14.51
N SER C 138 25.17 42.14 -13.71
CA SER C 138 24.46 40.89 -13.97
C SER C 138 23.60 40.99 -15.22
N THR C 139 22.97 42.16 -15.45
CA THR C 139 22.15 42.36 -16.63
CA THR C 139 22.15 42.37 -16.64
C THR C 139 23.04 42.35 -17.88
N GLU C 140 24.28 42.79 -17.73
CA GLU C 140 25.20 42.85 -18.86
C GLU C 140 25.59 41.43 -19.29
N LYS C 141 25.68 40.51 -18.33
CA LYS C 141 25.92 39.11 -18.65
C LYS C 141 24.69 38.53 -19.34
N MET C 142 23.50 38.80 -18.80
CA MET C 142 22.27 38.33 -19.41
C MET C 142 22.19 38.77 -20.87
N ASN C 143 22.47 40.06 -21.11
CA ASN C 143 22.40 40.61 -22.46
C ASN C 143 23.37 39.90 -23.40
N GLU C 144 24.55 39.53 -22.90
CA GLU C 144 25.54 38.86 -23.74
C GLU C 144 25.02 37.48 -24.14
N ILE C 145 24.33 36.83 -23.20
CA ILE C 145 23.76 35.50 -23.44
C ILE C 145 22.69 35.61 -24.52
N ILE C 146 21.77 36.56 -24.36
CA ILE C 146 20.70 36.77 -25.30
C ILE C 146 21.30 37.06 -26.68
N ASP C 147 22.36 37.88 -26.72
CA ASP C 147 22.97 38.28 -27.98
C ASP C 147 23.55 37.04 -28.68
N LEU C 148 24.21 36.17 -27.92
CA LEU C 148 24.73 34.93 -28.48
C LEU C 148 23.61 34.07 -29.06
N LEU C 149 22.53 33.88 -28.28
CA LEU C 149 21.43 33.01 -28.70
C LEU C 149 20.79 33.53 -29.98
N GLU C 150 20.73 34.87 -30.15
CA GLU C 150 20.01 35.48 -31.24
C GLU C 150 20.83 35.51 -32.53
N ASN C 151 22.14 35.26 -32.42
CA ASN C 151 23.08 35.52 -33.51
C ASN C 151 22.78 34.65 -34.73
N GLY C 152 22.59 33.35 -34.51
CA GLY C 152 22.23 32.43 -35.58
C GLY C 152 23.46 31.84 -36.25
N PHE C 153 24.30 32.72 -36.78
CA PHE C 153 25.57 32.34 -37.39
C PHE C 153 26.35 31.46 -36.41
N LYS C 154 26.40 31.86 -35.15
CA LYS C 154 27.23 31.20 -34.15
C LYS C 154 26.65 29.82 -33.81
N GLU C 155 25.36 29.61 -34.12
CA GLU C 155 24.73 28.32 -33.88
C GLU C 155 24.64 27.50 -35.17
N ASN C 156 25.20 28.01 -36.27
CA ASN C 156 25.21 27.31 -37.54
C ASN C 156 23.80 26.82 -37.87
N LEU C 157 22.81 27.70 -37.77
CA LEU C 157 21.42 27.32 -37.96
C LEU C 157 21.17 26.88 -39.40
N SER C 158 21.96 27.43 -40.34
CA SER C 158 21.66 27.26 -41.76
C SER C 158 21.96 25.82 -42.19
N SER C 159 22.55 25.02 -41.30
CA SER C 159 22.89 23.65 -41.63
C SER C 159 22.14 22.66 -40.73
N LEU C 160 21.09 23.15 -40.05
CA LEU C 160 20.26 22.30 -39.20
C LEU C 160 19.08 21.77 -40.01
N LYS C 161 18.67 20.53 -39.72
CA LYS C 161 17.40 20.03 -40.21
C LYS C 161 16.31 21.01 -39.78
N PRO C 162 15.29 21.27 -40.61
CA PRO C 162 14.25 22.24 -40.29
C PRO C 162 13.60 22.05 -38.92
N GLU C 163 13.37 20.78 -38.55
CA GLU C 163 12.61 20.48 -37.34
C GLU C 163 13.43 20.86 -36.11
N ARG C 164 14.76 20.68 -36.18
CA ARG C 164 15.64 21.05 -35.09
C ARG C 164 15.75 22.56 -35.02
N LYS C 165 15.78 23.21 -36.18
CA LYS C 165 15.85 24.66 -36.26
C LYS C 165 14.61 25.26 -35.62
N LYS C 166 13.44 24.69 -35.95
CA LYS C 166 12.17 25.19 -35.46
C LYS C 166 12.12 25.11 -33.93
N THR C 167 12.52 23.96 -33.39
CA THR C 167 12.44 23.75 -31.95
C THR C 167 13.38 24.71 -31.25
N TYR C 168 14.58 24.90 -31.82
CA TYR C 168 15.55 25.80 -31.21
C TYR C 168 14.95 27.20 -31.15
N GLU C 169 14.28 27.59 -32.24
CA GLU C 169 13.73 28.94 -32.35
C GLU C 169 12.63 29.13 -31.31
N GLU C 170 11.77 28.12 -31.14
CA GLU C 170 10.71 28.18 -30.14
C GLU C 170 11.33 28.25 -28.74
N ALA C 171 12.33 27.40 -28.50
CA ALA C 171 12.93 27.28 -27.19
C ALA C 171 13.72 28.54 -26.85
N ARG C 172 14.38 29.11 -27.87
CA ARG C 172 15.16 30.32 -27.68
C ARG C 172 14.25 31.49 -27.33
N LYS C 173 13.12 31.61 -28.04
CA LYS C 173 12.22 32.72 -27.85
C LYS C 173 11.66 32.68 -26.42
N LEU C 174 11.33 31.48 -25.97
CA LEU C 174 10.75 31.29 -24.64
C LEU C 174 11.78 31.67 -23.58
N THR C 175 13.02 31.23 -23.80
CA THR C 175 14.10 31.55 -22.87
C THR C 175 14.24 33.07 -22.77
N ILE C 176 14.39 33.74 -23.92
CA ILE C 176 14.68 35.17 -23.93
C ILE C 176 13.53 35.94 -23.28
N GLU C 177 12.29 35.56 -23.62
CA GLU C 177 11.11 36.23 -23.09
C GLU C 177 11.08 36.15 -21.57
N LEU C 178 11.26 34.93 -21.04
CA LEU C 178 11.19 34.68 -19.62
C LEU C 178 12.39 35.31 -18.91
N TRP C 179 13.59 34.95 -19.35
CA TRP C 179 14.79 35.34 -18.62
C TRP C 179 14.87 36.86 -18.50
N SER C 180 14.36 37.56 -19.52
CA SER C 180 14.47 39.02 -19.55
CA SER C 180 14.44 39.02 -19.56
C SER C 180 13.58 39.65 -18.46
N LYS C 181 12.70 38.86 -17.86
CA LYS C 181 11.79 39.39 -16.85
C LYS C 181 12.44 39.43 -15.46
N TYR C 182 13.44 38.58 -15.24
CA TYR C 182 14.04 38.45 -13.91
C TYR C 182 14.60 39.79 -13.43
N PRO C 183 15.41 40.52 -14.23
CA PRO C 183 15.99 41.77 -13.75
C PRO C 183 14.96 42.84 -13.40
N GLU C 184 13.82 42.81 -14.09
CA GLU C 184 12.74 43.76 -13.84
C GLU C 184 12.12 43.49 -12.47
N ILE C 185 11.86 42.22 -12.16
CA ILE C 185 11.33 41.85 -10.85
C ILE C 185 12.28 42.32 -9.76
N TRP C 186 13.58 42.06 -9.96
CA TRP C 186 14.59 42.40 -8.98
C TRP C 186 14.65 43.91 -8.78
N LYS C 187 14.56 44.65 -9.90
CA LYS C 187 14.64 46.10 -9.92
C LYS C 187 13.48 46.73 -9.15
N LYS C 188 12.29 46.12 -9.21
CA LYS C 188 11.09 46.72 -8.64
C LYS C 188 10.92 46.31 -7.18
N GLY C 189 11.67 45.28 -6.77
CA GLY C 189 11.48 44.66 -5.47
C GLY C 189 12.27 45.36 -4.36
N PRO C 190 12.34 44.73 -3.17
CA PRO C 190 12.95 45.34 -2.00
C PRO C 190 14.41 45.76 -2.15
N LEU C 191 15.16 45.04 -2.99
CA LEU C 191 16.59 45.28 -3.12
C LEU C 191 16.84 46.35 -4.18
N GLY C 192 15.76 46.75 -4.88
CA GLY C 192 15.85 47.74 -5.93
C GLY C 192 15.09 49.02 -5.56
N GLU C 193 14.02 49.33 -6.30
CA GLU C 193 13.30 50.57 -6.14
C GLU C 193 12.32 50.46 -4.97
N GLY C 194 12.13 49.24 -4.47
CA GLY C 194 11.26 49.01 -3.34
C GLY C 194 9.81 49.41 -3.63
N LYS C 195 9.31 49.04 -4.81
CA LYS C 195 7.95 49.38 -5.21
C LYS C 195 7.04 48.16 -5.14
N VAL C 196 7.64 46.97 -5.06
CA VAL C 196 6.89 45.73 -4.99
C VAL C 196 7.35 44.95 -3.77
N PRO C 197 6.45 44.63 -2.81
CA PRO C 197 6.85 43.95 -1.59
C PRO C 197 7.53 42.61 -1.84
N LEU C 198 8.20 42.10 -0.81
CA LEU C 198 8.93 40.85 -0.91
C LEU C 198 7.97 39.73 -1.31
N GLU C 199 6.76 39.74 -0.74
CA GLU C 199 5.80 38.67 -0.99
C GLU C 199 5.55 38.50 -2.48
N GLU C 200 5.20 39.62 -3.16
CA GLU C 200 4.85 39.57 -4.57
C GLU C 200 6.10 39.25 -5.41
N THR C 201 7.26 39.74 -4.95
CA THR C 201 8.52 39.51 -5.64
C THR C 201 8.82 38.00 -5.63
N VAL C 202 8.62 37.36 -4.48
CA VAL C 202 8.84 35.93 -4.35
C VAL C 202 7.87 35.19 -5.28
N LYS C 203 6.61 35.62 -5.26
CA LYS C 203 5.57 35.02 -6.09
C LYS C 203 5.98 35.07 -7.55
N GLN C 204 6.40 36.26 -8.00
CA GLN C 204 6.69 36.48 -9.41
C GLN C 204 7.89 35.64 -9.84
N PHE C 205 8.90 35.52 -8.97
CA PHE C 205 10.05 34.69 -9.27
C PHE C 205 9.62 33.23 -9.37
N THR C 206 8.76 32.77 -8.45
CA THR C 206 8.35 31.37 -8.46
C THR C 206 7.68 31.04 -9.80
N GLU C 207 6.82 31.95 -10.26
CA GLU C 207 6.07 31.74 -11.48
C GLU C 207 7.02 31.67 -12.70
N LEU C 208 8.03 32.55 -12.74
CA LEU C 208 8.97 32.53 -13.84
C LEU C 208 9.73 31.20 -13.82
N ASP C 209 10.19 30.81 -12.63
CA ASP C 209 10.97 29.60 -12.44
C ASP C 209 10.21 28.40 -13.03
N VAL C 210 8.91 28.30 -12.74
CA VAL C 210 8.10 27.20 -13.23
C VAL C 210 8.01 27.26 -14.76
N SER C 211 7.77 28.45 -15.30
CA SER C 211 7.68 28.63 -16.74
C SER C 211 9.02 28.27 -17.40
N ALA C 212 10.12 28.62 -16.73
CA ALA C 212 11.45 28.52 -17.31
C ALA C 212 11.96 27.09 -17.25
N LYS C 213 11.41 26.28 -16.35
CA LYS C 213 11.91 24.94 -16.11
C LYS C 213 10.86 23.90 -16.54
N VAL C 214 9.61 24.10 -16.11
CA VAL C 214 8.55 23.16 -16.40
C VAL C 214 8.05 23.43 -17.83
N GLY C 215 7.65 24.68 -18.09
CA GLY C 215 7.24 25.07 -19.42
C GLY C 215 8.29 24.71 -20.47
N PHE C 216 9.53 25.16 -20.23
CA PHE C 216 10.62 24.92 -21.17
C PHE C 216 10.80 23.42 -21.39
N GLY C 217 10.87 22.66 -20.30
CA GLY C 217 11.03 21.23 -20.37
C GLY C 217 9.96 20.57 -21.24
N GLU C 218 8.70 20.96 -21.00
CA GLU C 218 7.57 20.37 -21.70
C GLU C 218 7.75 20.59 -23.20
N LEU C 219 8.16 21.81 -23.57
CA LEU C 219 8.28 22.20 -24.97
C LEU C 219 9.33 21.33 -25.65
N VAL C 220 10.50 21.20 -25.03
CA VAL C 220 11.61 20.50 -25.66
C VAL C 220 11.35 19.00 -25.68
N LEU C 221 10.96 18.44 -24.53
CA LEU C 221 10.81 17.00 -24.37
C LEU C 221 9.67 16.47 -25.25
N SER C 222 8.78 17.35 -25.70
CA SER C 222 7.64 16.94 -26.52
C SER C 222 7.96 17.11 -28.01
N SER C 223 9.22 17.43 -28.32
CA SER C 223 9.64 17.65 -29.69
CA SER C 223 9.64 17.65 -29.69
C SER C 223 10.34 16.41 -30.24
N GLU C 224 10.34 16.27 -31.56
CA GLU C 224 11.06 15.18 -32.21
C GLU C 224 12.53 15.56 -32.34
N ALA C 225 12.82 16.86 -32.16
CA ALA C 225 14.17 17.38 -32.31
C ALA C 225 15.13 16.69 -31.34
N ILE C 226 14.61 16.10 -30.27
CA ILE C 226 15.47 15.54 -29.25
C ILE C 226 15.96 14.16 -29.67
N TYR C 227 15.41 13.64 -30.77
CA TYR C 227 15.80 12.33 -31.29
C TYR C 227 16.74 12.50 -32.48
N SER C 228 17.73 11.61 -32.56
CA SER C 228 18.66 11.56 -33.67
C SER C 228 17.98 10.88 -34.87
N PRO D 5 10.78 -4.10 -8.29
CA PRO D 5 11.17 -5.54 -8.43
C PRO D 5 10.89 -6.01 -9.87
N GLU D 6 9.67 -5.75 -10.32
CA GLU D 6 9.21 -6.21 -11.63
C GLU D 6 9.54 -5.16 -12.70
N SER D 7 9.67 -3.90 -12.26
CA SER D 7 9.78 -2.78 -13.17
C SER D 7 10.95 -2.99 -14.14
N LYS D 8 12.06 -3.50 -13.63
CA LYS D 8 13.25 -3.68 -14.47
C LYS D 8 12.91 -4.64 -15.60
N TYR D 9 11.98 -5.57 -15.35
CA TYR D 9 11.63 -6.55 -16.37
C TYR D 9 10.58 -5.95 -17.31
N TYR D 10 9.63 -5.17 -16.75
CA TYR D 10 8.65 -4.50 -17.57
C TYR D 10 9.38 -3.46 -18.43
N GLU D 11 10.46 -2.91 -17.89
CA GLU D 11 11.25 -1.92 -18.61
C GLU D 11 12.03 -2.59 -19.74
N LYS D 12 12.59 -3.77 -19.45
CA LYS D 12 13.35 -4.51 -20.43
C LYS D 12 12.44 -4.88 -21.60
N ALA D 13 11.25 -5.41 -21.28
CA ALA D 13 10.29 -5.80 -22.30
C ALA D 13 9.94 -4.61 -23.18
N THR D 14 9.67 -3.47 -22.54
CA THR D 14 9.33 -2.25 -23.26
C THR D 14 10.39 -1.96 -24.31
N GLU D 15 11.65 -1.95 -23.88
CA GLU D 15 12.77 -1.59 -24.73
C GLU D 15 12.94 -2.60 -25.86
N GLU D 16 12.83 -3.89 -25.52
CA GLU D 16 13.11 -4.95 -26.49
C GLU D 16 12.05 -4.95 -27.58
N MET D 17 10.79 -4.75 -27.17
CA MET D 17 9.69 -4.71 -28.13
C MET D 17 9.81 -3.47 -29.02
N GLU D 18 10.15 -2.32 -28.43
CA GLU D 18 10.30 -1.10 -29.21
C GLU D 18 11.34 -1.29 -30.31
N LYS D 19 12.48 -1.90 -29.93
CA LYS D 19 13.57 -2.09 -30.85
C LYS D 19 13.13 -3.00 -31.99
N ALA D 20 12.40 -4.07 -31.65
CA ALA D 20 11.95 -5.03 -32.65
C ALA D 20 10.98 -4.34 -33.61
N TYR D 21 10.07 -3.54 -33.06
CA TYR D 21 9.09 -2.83 -33.87
C TYR D 21 9.80 -1.93 -34.87
N GLU D 22 10.77 -1.16 -34.37
CA GLU D 22 11.50 -0.21 -35.18
C GLU D 22 12.27 -0.92 -36.29
N GLU D 23 12.87 -2.07 -35.96
CA GLU D 23 13.73 -2.77 -36.90
C GLU D 23 12.88 -3.47 -37.97
N PHE D 24 11.71 -3.98 -37.58
CA PHE D 24 10.84 -4.66 -38.54
C PHE D 24 10.21 -3.64 -39.47
N LYS D 25 9.84 -2.48 -38.92
CA LYS D 25 9.19 -1.44 -39.69
C LYS D 25 10.15 -0.96 -40.78
N LYS D 26 11.42 -0.79 -40.39
CA LYS D 26 12.44 -0.26 -41.29
C LYS D 26 12.62 -1.22 -42.47
N LYS D 27 12.76 -2.51 -42.17
CA LYS D 27 12.94 -3.51 -43.22
C LYS D 27 11.75 -3.48 -44.17
N GLY D 28 10.54 -3.40 -43.59
CA GLY D 28 9.31 -3.50 -44.37
C GLY D 28 9.17 -2.34 -45.36
N GLU D 29 9.78 -1.20 -45.05
CA GLU D 29 9.54 0.03 -45.79
C GLU D 29 10.03 -0.10 -47.23
N GLY D 30 10.97 -1.03 -47.47
CA GLY D 30 11.54 -1.21 -48.79
C GLY D 30 10.87 -2.34 -49.57
N VAL D 31 9.84 -2.97 -49.01
CA VAL D 31 9.22 -4.12 -49.63
C VAL D 31 7.91 -3.71 -50.30
N GLU D 32 7.79 -3.99 -51.60
CA GLU D 32 6.59 -3.67 -52.36
C GLU D 32 5.74 -4.92 -52.56
N ASP D 33 6.39 -6.09 -52.59
CA ASP D 33 5.69 -7.34 -52.83
C ASP D 33 4.45 -7.41 -51.95
N GLU D 34 3.29 -7.69 -52.58
CA GLU D 34 2.01 -7.68 -51.89
C GLU D 34 2.02 -8.68 -50.75
N GLU D 35 2.44 -9.92 -51.04
CA GLU D 35 2.37 -11.00 -50.07
C GLU D 35 3.33 -10.74 -48.92
N ALA D 36 4.57 -10.33 -49.24
CA ALA D 36 5.57 -10.07 -48.22
C ALA D 36 5.10 -8.93 -47.32
N LYS D 37 4.47 -7.92 -47.92
CA LYS D 37 4.01 -6.74 -47.21
C LYS D 37 3.08 -7.14 -46.07
N LYS D 38 2.14 -8.04 -46.35
CA LYS D 38 1.18 -8.49 -45.36
C LYS D 38 1.92 -9.07 -44.15
N PHE D 39 2.96 -9.88 -44.41
CA PHE D 39 3.72 -10.48 -43.32
C PHE D 39 4.41 -9.39 -42.51
N TYR D 40 4.99 -8.40 -43.20
CA TYR D 40 5.66 -7.29 -42.54
C TYR D 40 4.64 -6.51 -41.69
N ASP D 41 3.44 -6.32 -42.23
CA ASP D 41 2.40 -5.55 -41.54
C ASP D 41 2.06 -6.23 -40.21
N LEU D 42 1.77 -7.54 -40.27
CA LEU D 42 1.36 -8.29 -39.10
C LEU D 42 2.50 -8.34 -38.07
N LEU D 43 3.71 -8.67 -38.53
CA LEU D 43 4.81 -8.93 -37.62
C LEU D 43 5.45 -7.64 -37.13
N THR D 44 5.06 -6.50 -37.73
CA THR D 44 5.43 -5.19 -37.22
C THR D 44 4.43 -4.75 -36.14
N GLU D 45 3.13 -4.94 -36.43
CA GLU D 45 2.06 -4.52 -35.54
C GLU D 45 2.19 -5.21 -34.18
N VAL D 46 2.62 -6.48 -34.21
CA VAL D 46 2.62 -7.31 -33.02
C VAL D 46 3.53 -6.70 -31.95
N PRO D 47 4.81 -6.40 -32.25
CA PRO D 47 5.68 -5.80 -31.25
C PRO D 47 5.35 -4.35 -30.94
N ARG D 48 4.66 -3.68 -31.86
CA ARG D 48 4.17 -2.33 -31.60
C ARG D 48 3.17 -2.38 -30.45
N ILE D 49 2.24 -3.33 -30.52
CA ILE D 49 1.22 -3.47 -29.48
C ILE D 49 1.90 -3.86 -28.15
N ALA D 50 2.85 -4.79 -28.20
CA ALA D 50 3.54 -5.21 -27.00
C ALA D 50 4.27 -4.03 -26.37
N TYR D 51 4.93 -3.23 -27.21
CA TYR D 51 5.65 -2.06 -26.74
C TYR D 51 4.70 -1.12 -26.00
N GLU D 52 3.54 -0.86 -26.60
CA GLU D 52 2.59 0.11 -26.06
C GLU D 52 2.04 -0.36 -24.71
N GLN D 53 1.81 -1.67 -24.61
CA GLN D 53 1.18 -2.21 -23.41
C GLN D 53 2.19 -2.31 -22.27
N TYR D 54 3.41 -2.74 -22.58
CA TYR D 54 4.46 -2.83 -21.59
C TYR D 54 4.81 -1.42 -21.10
N LYS D 55 4.76 -0.43 -22.00
CA LYS D 55 5.06 0.93 -21.62
C LYS D 55 4.01 1.45 -20.63
N LYS D 56 2.74 1.11 -20.90
CA LYS D 56 1.64 1.49 -20.01
C LYS D 56 1.93 0.99 -18.60
N ILE D 57 2.40 -0.27 -18.48
CA ILE D 57 2.73 -0.84 -17.18
C ILE D 57 3.92 -0.08 -16.60
N LEU D 58 4.94 0.12 -17.44
CA LEU D 58 6.16 0.78 -17.02
C LEU D 58 5.83 2.16 -16.45
N ASP D 59 4.75 2.75 -16.95
CA ASP D 59 4.38 4.11 -16.60
C ASP D 59 3.35 4.13 -15.47
N GLY D 60 3.19 3.00 -14.79
CA GLY D 60 2.46 2.96 -13.52
C GLY D 60 0.95 2.75 -13.73
N GLU D 61 0.57 2.32 -14.93
CA GLU D 61 -0.81 1.97 -15.23
C GLU D 61 -0.83 0.49 -15.60
N GLY D 62 -1.99 0.04 -16.10
CA GLY D 62 -2.13 -1.30 -16.68
C GLY D 62 -1.98 -2.41 -15.64
N ILE D 63 -2.25 -2.09 -14.37
CA ILE D 63 -2.18 -3.08 -13.31
C ILE D 63 -3.46 -3.05 -12.47
N GLU D 64 -3.84 -4.22 -11.97
CA GLU D 64 -5.00 -4.38 -11.09
C GLU D 64 -4.61 -5.30 -9.93
N LYS D 65 -4.90 -4.86 -8.71
CA LYS D 65 -4.51 -5.60 -7.52
C LYS D 65 -5.54 -6.71 -7.24
N VAL D 66 -5.03 -7.92 -7.01
CA VAL D 66 -5.86 -9.04 -6.64
CA VAL D 66 -5.86 -9.06 -6.65
C VAL D 66 -5.35 -9.61 -5.32
N GLU D 67 -6.27 -10.04 -4.47
CA GLU D 67 -5.93 -10.59 -3.17
C GLU D 67 -5.69 -12.09 -3.30
N VAL D 68 -4.50 -12.53 -2.89
CA VAL D 68 -4.12 -13.94 -2.94
C VAL D 68 -3.56 -14.35 -1.59
N ASP D 69 -4.27 -15.23 -0.90
CA ASP D 69 -3.82 -15.75 0.39
C ASP D 69 -3.43 -14.58 1.30
N GLY D 70 -4.25 -13.53 1.31
CA GLY D 70 -4.10 -12.44 2.25
C GLY D 70 -3.02 -11.44 1.83
N LYS D 71 -2.51 -11.54 0.60
CA LYS D 71 -1.52 -10.60 0.09
C LYS D 71 -2.02 -10.02 -1.23
N GLU D 72 -1.62 -8.77 -1.51
CA GLU D 72 -2.03 -8.08 -2.73
C GLU D 72 -1.04 -8.40 -3.84
N ILE D 73 -1.56 -8.83 -4.99
CA ILE D 73 -0.73 -9.13 -6.16
C ILE D 73 -1.10 -8.15 -7.27
N GLU D 74 -0.08 -7.49 -7.85
CA GLU D 74 -0.27 -6.58 -8.96
C GLU D 74 -0.35 -7.37 -10.27
N VAL D 75 -1.57 -7.59 -10.77
CA VAL D 75 -1.77 -8.33 -12.00
C VAL D 75 -1.67 -7.37 -13.18
N PRO D 76 -0.80 -7.64 -14.18
CA PRO D 76 -0.67 -6.76 -15.32
C PRO D 76 -1.74 -7.01 -16.38
N VAL D 77 -2.89 -6.36 -16.20
CA VAL D 77 -4.03 -6.56 -17.08
C VAL D 77 -3.71 -6.01 -18.47
N ALA D 78 -2.80 -5.03 -18.53
CA ALA D 78 -2.39 -4.46 -19.80
C ALA D 78 -1.68 -5.51 -20.66
N ARG D 79 -0.97 -6.44 -20.03
CA ARG D 79 -0.26 -7.49 -20.75
C ARG D 79 -1.27 -8.51 -21.30
N TYR D 80 -2.34 -8.77 -20.53
CA TYR D 80 -3.39 -9.65 -21.03
C TYR D 80 -4.04 -9.00 -22.25
N GLU D 81 -4.16 -7.67 -22.24
CA GLU D 81 -4.77 -6.94 -23.33
C GLU D 81 -3.88 -7.08 -24.58
N ASP D 82 -2.56 -6.99 -24.36
CA ASP D 82 -1.57 -7.24 -25.39
C ASP D 82 -1.81 -8.62 -26.00
N TRP D 83 -1.76 -9.66 -25.16
CA TRP D 83 -1.89 -11.04 -25.63
C TRP D 83 -3.19 -11.24 -26.39
N GLU D 84 -4.26 -10.61 -25.90
CA GLU D 84 -5.57 -10.76 -26.50
C GLU D 84 -5.53 -10.29 -27.96
N LYS D 85 -4.71 -9.27 -28.22
CA LYS D 85 -4.62 -8.69 -29.56
C LYS D 85 -3.54 -9.41 -30.38
N THR D 86 -2.45 -9.86 -29.75
CA THR D 86 -1.29 -10.30 -30.51
C THR D 86 -1.35 -11.79 -30.81
N THR D 87 -1.99 -12.61 -29.94
CA THR D 87 -1.96 -14.04 -30.16
C THR D 87 -2.73 -14.38 -31.44
N PRO D 88 -3.87 -13.72 -31.74
CA PRO D 88 -4.55 -13.97 -33.01
C PRO D 88 -3.71 -13.58 -34.21
N LEU D 89 -3.01 -12.45 -34.10
CA LEU D 89 -2.20 -11.94 -35.21
C LEU D 89 -1.08 -12.92 -35.54
N LEU D 90 -0.47 -13.51 -34.49
CA LEU D 90 0.61 -14.46 -34.70
C LEU D 90 0.08 -15.72 -35.38
N LEU D 91 -1.11 -16.17 -34.99
CA LEU D 91 -1.71 -17.33 -35.63
C LEU D 91 -2.08 -16.98 -37.07
N GLU D 92 -2.47 -15.73 -37.31
CA GLU D 92 -2.79 -15.27 -38.65
C GLU D 92 -1.58 -15.42 -39.55
N VAL D 93 -0.38 -15.23 -38.98
CA VAL D 93 0.85 -15.37 -39.74
C VAL D 93 1.03 -16.84 -40.14
N LEU D 94 0.76 -17.77 -39.22
CA LEU D 94 0.87 -19.19 -39.52
C LEU D 94 -0.13 -19.57 -40.60
N ALA D 95 -1.35 -19.02 -40.48
CA ALA D 95 -2.42 -19.35 -41.40
C ALA D 95 -2.07 -18.88 -42.81
N ASN D 96 -1.44 -17.71 -42.90
CA ASN D 96 -1.07 -17.17 -44.20
C ASN D 96 0.08 -17.98 -44.79
N LEU D 97 0.96 -18.50 -43.94
CA LEU D 97 2.09 -19.28 -44.40
C LEU D 97 1.59 -20.54 -45.11
N VAL D 98 0.53 -21.17 -44.59
CA VAL D 98 0.06 -22.44 -45.13
C VAL D 98 -1.10 -22.18 -46.08
N ASP D 99 -1.42 -20.92 -46.34
CA ASP D 99 -2.57 -20.57 -47.17
C ASP D 99 -3.81 -21.28 -46.63
N ALA D 100 -4.09 -21.04 -45.34
CA ALA D 100 -5.24 -21.64 -44.67
C ALA D 100 -6.53 -21.08 -45.26
N SER D 101 -7.61 -21.88 -45.18
CA SER D 101 -8.93 -21.39 -45.51
C SER D 101 -9.32 -20.28 -44.54
N GLU D 102 -10.33 -19.48 -44.91
CA GLU D 102 -10.88 -18.48 -44.02
C GLU D 102 -11.43 -19.16 -42.76
N GLU D 103 -12.08 -20.32 -42.94
CA GLU D 103 -12.67 -21.04 -41.83
C GLU D 103 -11.59 -21.37 -40.79
N LEU D 104 -10.48 -21.94 -41.25
CA LEU D 104 -9.41 -22.34 -40.36
C LEU D 104 -8.81 -21.11 -39.70
N LYS D 105 -8.60 -20.05 -40.49
CA LYS D 105 -8.02 -18.82 -39.96
C LYS D 105 -8.88 -18.28 -38.83
N GLU D 106 -10.20 -18.18 -39.05
CA GLU D 106 -11.09 -17.56 -38.07
C GLU D 106 -11.18 -18.42 -36.81
N LYS D 107 -11.14 -19.74 -36.99
CA LYS D 107 -11.16 -20.66 -35.87
C LYS D 107 -9.98 -20.38 -34.95
N LEU D 108 -8.78 -20.27 -35.55
CA LEU D 108 -7.55 -20.02 -34.82
C LEU D 108 -7.62 -18.68 -34.08
N ILE D 109 -8.06 -17.64 -34.79
CA ILE D 109 -8.24 -16.33 -34.18
C ILE D 109 -9.14 -16.45 -32.96
N SER D 110 -10.32 -17.05 -33.16
CA SER D 110 -11.34 -17.09 -32.14
C SER D 110 -10.80 -17.80 -30.89
N LYS D 111 -10.12 -18.93 -31.09
CA LYS D 111 -9.64 -19.72 -29.97
C LYS D 111 -8.55 -18.96 -29.23
N ALA D 112 -7.69 -18.24 -29.95
CA ALA D 112 -6.62 -17.49 -29.31
C ALA D 112 -7.22 -16.41 -28.41
N LYS D 113 -8.21 -15.68 -28.93
CA LYS D 113 -8.88 -14.64 -28.17
C LYS D 113 -9.48 -15.24 -26.90
N GLU D 114 -10.19 -16.36 -27.07
CA GLU D 114 -10.87 -17.03 -25.96
C GLU D 114 -9.84 -17.46 -24.91
N MET D 115 -8.76 -18.07 -25.40
CA MET D 115 -7.68 -18.56 -24.55
C MET D 115 -7.24 -17.47 -23.57
N ILE D 116 -7.01 -16.26 -24.07
CA ILE D 116 -6.50 -15.17 -23.25
C ILE D 116 -7.63 -14.63 -22.35
N THR D 117 -8.85 -14.53 -22.90
CA THR D 117 -10.00 -14.05 -22.15
C THR D 117 -10.19 -14.89 -20.89
N LEU D 118 -10.08 -16.22 -21.03
CA LEU D 118 -10.27 -17.16 -19.93
C LEU D 118 -9.15 -17.02 -18.92
N GLY D 119 -7.91 -16.94 -19.42
CA GLY D 119 -6.75 -16.75 -18.58
C GLY D 119 -6.85 -15.47 -17.75
N LYS D 120 -7.28 -14.38 -18.40
CA LYS D 120 -7.40 -13.11 -17.72
C LYS D 120 -8.45 -13.23 -16.61
N LYS D 121 -9.56 -13.90 -16.92
CA LYS D 121 -10.64 -14.09 -15.97
C LYS D 121 -10.09 -14.83 -14.73
N GLY D 122 -9.31 -15.87 -14.98
CA GLY D 122 -8.70 -16.64 -13.91
C GLY D 122 -7.78 -15.76 -13.06
N ALA D 123 -7.03 -14.87 -13.74
CA ALA D 123 -6.05 -14.05 -13.06
C ALA D 123 -6.73 -13.05 -12.12
N LEU D 124 -7.93 -12.62 -12.48
CA LEU D 124 -8.61 -11.56 -11.76
C LEU D 124 -9.65 -12.11 -10.78
N GLU D 125 -9.78 -13.44 -10.71
CA GLU D 125 -10.79 -14.06 -9.88
C GLU D 125 -10.60 -13.64 -8.41
N THR D 126 -11.73 -13.33 -7.76
CA THR D 126 -11.77 -13.13 -6.32
C THR D 126 -12.17 -14.43 -5.63
N ASP D 127 -12.66 -15.41 -6.41
CA ASP D 127 -12.92 -16.76 -5.90
C ASP D 127 -11.69 -17.64 -6.20
N PRO D 128 -10.87 -17.95 -5.18
CA PRO D 128 -9.58 -18.62 -5.42
C PRO D 128 -9.70 -19.95 -6.16
N GLU D 129 -10.80 -20.68 -5.93
CA GLU D 129 -11.04 -21.95 -6.59
C GLU D 129 -11.13 -21.76 -8.10
N LYS D 130 -11.56 -20.58 -8.54
CA LYS D 130 -11.84 -20.36 -9.95
C LYS D 130 -10.56 -19.96 -10.69
N ARG D 131 -9.47 -19.73 -9.95
CA ARG D 131 -8.18 -19.51 -10.59
C ARG D 131 -7.80 -20.75 -11.40
N PHE D 132 -7.85 -21.91 -10.74
CA PHE D 132 -7.52 -23.17 -11.41
C PHE D 132 -8.54 -23.47 -12.50
N GLU D 133 -9.82 -23.20 -12.22
CA GLU D 133 -10.88 -23.51 -13.17
C GLU D 133 -10.58 -22.84 -14.51
N TYR D 134 -10.29 -21.53 -14.49
CA TYR D 134 -10.17 -20.75 -15.71
C TYR D 134 -8.79 -20.96 -16.34
N TRP D 135 -7.78 -21.27 -15.53
CA TRP D 135 -6.50 -21.70 -16.06
C TRP D 135 -6.71 -22.96 -16.89
N LYS D 136 -7.52 -23.90 -16.37
CA LYS D 136 -7.71 -25.17 -17.04
C LYS D 136 -8.48 -24.97 -18.35
N LYS D 137 -9.53 -24.15 -18.30
CA LYS D 137 -10.35 -23.88 -19.49
C LYS D 137 -9.49 -23.20 -20.56
N SER D 138 -8.55 -22.37 -20.12
CA SER D 138 -7.64 -21.69 -21.03
C SER D 138 -6.69 -22.70 -21.69
N THR D 139 -6.14 -23.64 -20.89
CA THR D 139 -5.23 -24.64 -21.39
CA THR D 139 -5.22 -24.63 -21.40
C THR D 139 -5.94 -25.49 -22.44
N GLU D 140 -7.24 -25.70 -22.25
CA GLU D 140 -8.05 -26.47 -23.19
C GLU D 140 -8.11 -25.76 -24.54
N LYS D 141 -8.27 -24.44 -24.53
CA LYS D 141 -8.29 -23.66 -25.75
C LYS D 141 -6.93 -23.79 -26.44
N MET D 142 -5.86 -23.70 -25.65
CA MET D 142 -4.51 -23.77 -26.18
C MET D 142 -4.31 -25.13 -26.87
N ASN D 143 -4.80 -26.20 -26.23
CA ASN D 143 -4.63 -27.55 -26.73
C ASN D 143 -5.38 -27.71 -28.05
N GLU D 144 -6.55 -27.09 -28.15
CA GLU D 144 -7.33 -27.12 -29.38
C GLU D 144 -6.58 -26.42 -30.51
N ILE D 145 -5.92 -25.30 -30.18
CA ILE D 145 -5.12 -24.57 -31.15
C ILE D 145 -3.98 -25.47 -31.64
N ILE D 146 -3.27 -26.10 -30.70
CA ILE D 146 -2.14 -26.94 -31.05
C ILE D 146 -2.61 -28.12 -31.90
N ASP D 147 -3.75 -28.71 -31.53
CA ASP D 147 -4.34 -29.79 -32.31
C ASP D 147 -4.56 -29.34 -33.75
N LEU D 148 -5.14 -28.15 -33.94
CA LEU D 148 -5.46 -27.66 -35.28
C LEU D 148 -4.17 -27.48 -36.07
N LEU D 149 -3.13 -26.93 -35.43
CA LEU D 149 -1.86 -26.66 -36.08
C LEU D 149 -1.17 -27.95 -36.48
N GLU D 150 -1.33 -29.00 -35.66
CA GLU D 150 -0.58 -30.24 -35.82
C GLU D 150 -1.22 -31.15 -36.87
N ASN D 151 -2.51 -30.96 -37.17
CA ASN D 151 -3.26 -31.86 -38.02
C ASN D 151 -2.93 -31.59 -39.49
N GLY D 152 -2.18 -32.50 -40.11
CA GLY D 152 -1.71 -32.31 -41.48
C GLY D 152 -2.87 -32.29 -42.48
N PHE D 153 -3.96 -32.98 -42.15
CA PHE D 153 -5.12 -33.03 -43.03
C PHE D 153 -5.80 -31.67 -43.07
N LYS D 154 -5.88 -31.00 -41.92
CA LYS D 154 -6.58 -29.73 -41.82
C LYS D 154 -5.73 -28.60 -42.37
N GLU D 155 -4.40 -28.73 -42.25
CA GLU D 155 -3.48 -27.70 -42.69
C GLU D 155 -3.20 -27.91 -44.18
N ASN D 156 -3.90 -28.88 -44.78
CA ASN D 156 -3.80 -29.12 -46.21
C ASN D 156 -2.37 -28.89 -46.68
N LEU D 157 -1.41 -29.52 -45.98
CA LEU D 157 -0.01 -29.35 -46.26
C LEU D 157 0.31 -29.92 -47.65
N SER D 159 1.06 -29.48 -50.70
CA SER D 159 0.58 -28.43 -51.63
C SER D 159 1.56 -27.27 -51.71
N LEU D 160 2.33 -27.06 -50.62
CA LEU D 160 3.25 -25.94 -50.52
C LEU D 160 4.58 -26.29 -51.20
N LYS D 161 5.32 -25.25 -51.59
CA LYS D 161 6.69 -25.41 -52.06
C LYS D 161 7.59 -25.73 -50.86
N PRO D 162 8.83 -26.20 -51.11
CA PRO D 162 9.69 -26.68 -50.03
C PRO D 162 10.08 -25.60 -49.02
N GLU D 163 10.68 -24.50 -49.50
CA GLU D 163 11.14 -23.44 -48.63
C GLU D 163 9.97 -22.89 -47.82
N ARG D 164 8.75 -22.97 -48.39
CA ARG D 164 7.56 -22.49 -47.72
C ARG D 164 7.19 -23.48 -46.62
N LYS D 165 7.06 -24.76 -47.00
CA LYS D 165 6.75 -25.83 -46.06
C LYS D 165 7.74 -25.80 -44.90
N LYS D 166 9.02 -25.57 -45.21
CA LYS D 166 10.07 -25.63 -44.20
C LYS D 166 9.93 -24.45 -43.23
N THR D 167 9.67 -23.25 -43.77
CA THR D 167 9.51 -22.07 -42.94
C THR D 167 8.28 -22.25 -42.06
N TYR D 168 7.20 -22.77 -42.65
CA TYR D 168 5.96 -23.01 -41.90
C TYR D 168 6.24 -23.98 -40.76
N GLU D 169 6.94 -25.07 -41.06
CA GLU D 169 7.20 -26.10 -40.07
C GLU D 169 8.03 -25.52 -38.92
N GLU D 170 9.00 -24.67 -39.25
CA GLU D 170 9.84 -24.03 -38.25
C GLU D 170 9.01 -23.10 -37.38
N ALA D 171 8.22 -22.25 -38.04
CA ALA D 171 7.41 -21.26 -37.36
C ALA D 171 6.37 -21.93 -36.46
N ARG D 172 5.77 -23.01 -36.95
CA ARG D 172 4.76 -23.75 -36.21
C ARG D 172 5.36 -24.37 -34.95
N LYS D 173 6.54 -24.99 -35.09
CA LYS D 173 7.17 -25.67 -33.97
C LYS D 173 7.53 -24.66 -32.87
N LEU D 174 8.07 -23.52 -33.30
CA LEU D 174 8.45 -22.45 -32.38
C LEU D 174 7.21 -21.99 -31.62
N THR D 175 6.09 -21.86 -32.34
CA THR D 175 4.85 -21.40 -31.71
C THR D 175 4.39 -22.44 -30.68
N ILE D 176 4.30 -23.70 -31.09
CA ILE D 176 3.75 -24.73 -30.23
C ILE D 176 4.61 -24.89 -28.97
N GLU D 177 5.94 -24.88 -29.13
CA GLU D 177 6.85 -25.19 -28.04
C GLU D 177 6.93 -24.00 -27.08
N LEU D 178 6.90 -22.79 -27.62
CA LEU D 178 6.94 -21.60 -26.79
C LEU D 178 5.61 -21.41 -26.05
N TRP D 179 4.49 -21.45 -26.80
CA TRP D 179 3.20 -21.16 -26.21
C TRP D 179 2.86 -22.18 -25.12
N SER D 180 3.36 -23.41 -25.26
CA SER D 180 3.08 -24.46 -24.29
CA SER D 180 3.08 -24.46 -24.29
C SER D 180 3.73 -24.14 -22.94
N LYS D 181 4.66 -23.19 -22.91
CA LYS D 181 5.37 -22.88 -21.67
C LYS D 181 4.58 -21.91 -20.79
N TYR D 182 3.65 -21.15 -21.40
CA TYR D 182 2.94 -20.10 -20.69
C TYR D 182 2.11 -20.67 -19.53
N PRO D 183 1.29 -21.73 -19.74
CA PRO D 183 0.48 -22.25 -18.63
C PRO D 183 1.32 -22.71 -17.45
N GLU D 184 2.52 -23.25 -17.74
CA GLU D 184 3.39 -23.74 -16.68
C GLU D 184 3.85 -22.59 -15.79
N ILE D 185 4.26 -21.48 -16.43
CA ILE D 185 4.68 -20.30 -15.70
C ILE D 185 3.54 -19.83 -14.78
N TRP D 186 2.32 -19.78 -15.33
CA TRP D 186 1.18 -19.28 -14.60
C TRP D 186 0.89 -20.19 -13.40
N LYS D 187 1.01 -21.49 -13.63
CA LYS D 187 0.72 -22.50 -12.62
C LYS D 187 1.68 -22.42 -11.44
N LYS D 188 2.96 -22.12 -11.72
CA LYS D 188 3.98 -22.13 -10.67
C LYS D 188 4.00 -20.78 -9.93
N GLY D 189 3.34 -19.78 -10.52
CA GLY D 189 3.44 -18.42 -10.02
C GLY D 189 2.43 -18.13 -8.90
N PRO D 190 2.26 -16.84 -8.55
CA PRO D 190 1.45 -16.47 -7.39
C PRO D 190 -0.03 -16.78 -7.52
N LEU D 191 -0.54 -16.89 -8.76
CA LEU D 191 -1.95 -17.14 -8.96
C LEU D 191 -2.22 -18.64 -9.00
N GLY D 192 -1.16 -19.44 -8.97
CA GLY D 192 -1.26 -20.89 -9.01
C GLY D 192 -0.76 -21.54 -7.73
N GLU D 193 0.36 -22.25 -7.82
CA GLU D 193 0.91 -23.00 -6.70
C GLU D 193 1.67 -22.07 -5.76
N GLY D 194 2.11 -20.92 -6.27
CA GLY D 194 2.83 -19.94 -5.48
C GLY D 194 4.24 -20.42 -5.11
N LYS D 195 4.95 -21.04 -6.06
CA LYS D 195 6.29 -21.56 -5.82
C LYS D 195 7.34 -20.66 -6.48
N VAL D 196 6.88 -19.70 -7.30
CA VAL D 196 7.77 -18.77 -7.99
C VAL D 196 7.23 -17.35 -7.77
N PRO D 197 8.06 -16.42 -7.26
CA PRO D 197 7.58 -15.08 -6.96
C PRO D 197 7.06 -14.33 -8.17
N LEU D 198 6.28 -13.27 -7.92
CA LEU D 198 5.75 -12.44 -8.98
C LEU D 198 6.90 -11.97 -9.88
N GLU D 199 7.98 -11.49 -9.26
CA GLU D 199 9.06 -10.85 -10.01
C GLU D 199 9.58 -11.81 -11.09
N GLU D 200 9.91 -13.04 -10.69
CA GLU D 200 10.45 -14.02 -11.62
C GLU D 200 9.39 -14.41 -12.65
N THR D 201 8.13 -14.49 -12.21
CA THR D 201 7.05 -14.81 -13.12
C THR D 201 6.99 -13.77 -14.22
N VAL D 202 7.12 -12.49 -13.85
CA VAL D 202 7.08 -11.39 -14.80
C VAL D 202 8.25 -11.53 -15.78
N LYS D 203 9.44 -11.79 -15.23
CA LYS D 203 10.62 -11.99 -16.04
C LYS D 203 10.38 -13.11 -17.06
N GLN D 204 9.86 -14.25 -16.59
CA GLN D 204 9.75 -15.43 -17.43
C GLN D 204 8.78 -15.15 -18.59
N PHE D 205 7.67 -14.46 -18.30
CA PHE D 205 6.71 -14.09 -19.33
C PHE D 205 7.34 -13.12 -20.32
N THR D 206 8.16 -12.17 -19.86
CA THR D 206 8.76 -11.22 -20.77
C THR D 206 9.68 -11.96 -21.76
N GLU D 207 10.41 -12.96 -21.26
CA GLU D 207 11.35 -13.68 -22.09
C GLU D 207 10.60 -14.48 -23.16
N LEU D 208 9.49 -15.12 -22.77
CA LEU D 208 8.70 -15.89 -23.71
C LEU D 208 8.12 -14.95 -24.77
N ASP D 209 7.58 -13.82 -24.32
CA ASP D 209 6.95 -12.85 -25.21
C ASP D 209 7.94 -12.39 -26.27
N VAL D 210 9.18 -12.11 -25.86
CA VAL D 210 10.20 -11.64 -26.79
C VAL D 210 10.51 -12.75 -27.80
N SER D 211 10.60 -14.01 -27.34
CA SER D 211 10.85 -15.13 -28.23
C SER D 211 9.68 -15.32 -29.19
N ALA D 212 8.46 -15.14 -28.68
CA ALA D 212 7.24 -15.43 -29.43
C ALA D 212 6.94 -14.34 -30.46
N LYS D 213 7.54 -13.16 -30.26
CA LYS D 213 7.26 -12.03 -31.13
C LYS D 213 8.49 -11.67 -31.95
N VAL D 214 9.61 -11.42 -31.26
CA VAL D 214 10.82 -10.98 -31.94
C VAL D 214 11.47 -12.17 -32.63
N GLY D 215 11.68 -13.26 -31.89
CA GLY D 215 12.27 -14.47 -32.43
C GLY D 215 11.45 -15.01 -33.61
N PHE D 216 10.14 -15.17 -33.37
CA PHE D 216 9.25 -15.64 -34.41
C PHE D 216 9.35 -14.73 -35.64
N GLY D 217 9.17 -13.42 -35.40
CA GLY D 217 9.18 -12.43 -36.48
C GLY D 217 10.45 -12.50 -37.32
N GLU D 218 11.60 -12.55 -36.64
CA GLU D 218 12.89 -12.62 -37.32
CA GLU D 218 12.89 -12.62 -37.32
C GLU D 218 12.96 -13.89 -38.16
N LEU D 219 12.42 -14.99 -37.62
CA LEU D 219 12.40 -16.26 -38.32
CA LEU D 219 12.40 -16.26 -38.33
C LEU D 219 11.62 -16.10 -39.62
N VAL D 220 10.41 -15.55 -39.53
CA VAL D 220 9.53 -15.51 -40.68
C VAL D 220 10.05 -14.50 -41.69
N LEU D 221 10.37 -13.29 -41.21
CA LEU D 221 10.71 -12.17 -42.06
C LEU D 221 12.06 -12.36 -42.73
N SER D 222 12.85 -13.34 -42.26
CA SER D 222 14.16 -13.58 -42.84
CA SER D 222 14.17 -13.62 -42.80
C SER D 222 14.07 -14.71 -43.87
N SER D 223 12.87 -15.27 -44.04
CA SER D 223 12.66 -16.38 -44.96
CA SER D 223 12.67 -16.38 -44.96
C SER D 223 12.45 -15.85 -46.38
N GLU D 224 12.68 -16.72 -47.37
CA GLU D 224 12.39 -16.39 -48.75
C GLU D 224 10.96 -16.80 -49.09
N ALA D 225 10.23 -17.25 -48.06
CA ALA D 225 8.93 -17.89 -48.25
C ALA D 225 7.81 -16.88 -48.28
N ILE D 226 8.09 -15.64 -47.85
CA ILE D 226 7.04 -14.65 -47.66
C ILE D 226 6.79 -13.88 -48.95
N TYR D 227 7.56 -14.19 -50.00
CA TYR D 227 7.49 -13.43 -51.23
C TYR D 227 6.53 -14.12 -52.20
N SER D 228 5.74 -13.31 -52.92
CA SER D 228 4.76 -13.84 -53.86
C SER D 228 5.46 -14.74 -54.88
N GLY D 229 4.87 -15.91 -55.12
CA GLY D 229 5.49 -16.92 -55.96
C GLY D 229 5.62 -18.23 -55.20
#